data_4UV8
#
_entry.id   4UV8
#
_cell.length_a   119.850
_cell.length_b   179.210
_cell.length_c   235.560
_cell.angle_alpha   90.00
_cell.angle_beta   90.00
_cell.angle_gamma   90.00
#
_symmetry.space_group_name_H-M   'I 2 2 2'
#
loop_
_entity.id
_entity.type
_entity.pdbx_description
1 polymer 'LYSINE-SPECIFIC HISTONE DEMETHYLASE 1A'
2 polymer 'REST COREPRESSOR 1'
3 non-polymer '[[(2R,3S,4S)-5-[(4aS,10aS)-4a-[(1S)-3-azanylidene-1,4-diphenyl-butyl]-7,8-dimethyl-2,4-bis(oxidanylidene)-5,10a-dihydro-1H-benzo[g]pteridin-10-yl]-2,3,4-tris(oxidanyl)pentoxy]-oxidanyl-phosphoryl] [(2R,3S,4R,5R)-5-(6-aminopurin-9-yl)-3,4-bis(oxidanyl)oxolan-2-yl]methyl hydrogen phosphate'
4 water water
#
loop_
_entity_poly.entity_id
_entity_poly.type
_entity_poly.pdbx_seq_one_letter_code
_entity_poly.pdbx_strand_id
1 'polypeptide(L)'
;MLSGKKAAAAAAAAAAAATGTEAGPGTAGGSENGSEVAAQPAGLSGPAEVGPGAVGERTPRKKEPPRASPPGGLAEPPGS
AGPQAGPTVVPGSATPMETGIAETPEGRRTSRRKRAKVEYREMDESLANLSEDEYYSEEERNAKAEKEKKLPPPPPQAPP
EEENESEPEEPSGQAGGLQDDSSGGYGDGQPSGVEGAAFQSRLPHDRMTSQEAACFPDIISGPQQTQKVFLFIRNRTLQL
WLDNPKIQLTFEATLQQLEAPYNSDTVLVHRVHSYLERHGLINFGIYKRIKPLPTKKTGKVIIIGSGVSGLAAARQLQSF
GMDVTLLEARDRVGGRVATFRKGNYVADLGAMVVTGLGGNPMAVVSKQVNMELAKIKQKCPLYEANGQAVPKEKDEMVEQ
EFNRLLEATSYLSHQLDFNVLNNKPVSLGQALEVVIQLQEKHVKDEQIEHWKKIVKTQEELKELLNKMVNLKEKIKELHQ
QYKEASEVKPPRDITAEFLVKSKHRDLTALCKEYDELAETQGKLEEKLQELEANPPSDVYLSSRDRQILDWHFANLEFAN
ATPLSTLSLKHWDQDDDFEFTGSHLTVRNGYSCVPVALAEGLDIKLNTAVRQVRYTASGCEVIAVNTRSTSQTFIYKCDA
VLCTLPLGVLKQQPPAVQFVPPLPEWKTSAVQRMGFGNLNKVVLCFDRVFWDPSVNLFGHVGSTTASRGELFLFWNLYKA
PILLALVAGEAAGIMENISDDVIVGRCLAILKGIFGSSAVPQPKETVVSRWRADPWARGSYSYVAAGSSGNDYDLMAQPI
TPGPSIPGAPQPIPRLFFAGEHTIRNYPATVHGALLSGLREAGRIADQFLGAMYTLPRQATPGVPAQQSPSM
;
A
2 'polypeptide(L)'
;MVEKGPEVSGKRRGRNNAAASASAAAASAAASAACASPAATAASGAAASSASAAAASAAAAPNNGQNKSLAAAAPNGNSS
SNSWEEGSSGSSSDEEHGGGGMRVGPQYQAVVPDFDPAKLARRSQERDNLGMLVWSPNQNLSEAKLDEYIAIAKEKHGYN
MEQALGMLFWHKHNIEKSLADLPNFTPFPDEWTVEDKVLFEQAFSFHGKTFHRIQQMLPDKSIASLVKFYYSWKKTRTKT
SVMDRHARKQKREREESEDELEEANGNNPIDIEVDQNKESKKEVPPTETVPQVKKEKHSTQAKNRAKRKPPKGMFLSQED
VEAVSANATAATTVLRQLDMELVSVKRQIQNIKQTNSALKEKLDGGIEPYRLPEVIQKCNARWTTEEQLLAVQAIRKYGR
DFQAISDVIGNKSVVQVKNFFVNYRRRFNIDEVLQEWEAEHGKEETNGPSNQKPVKSPDNSIKMPEEEDEAPVLDVRYAS
AS
;
B
#
# COMPACT_ATOMS: atom_id res chain seq x y z
N PRO A 191 5.50 27.78 4.35
CA PRO A 191 6.00 28.94 3.60
C PRO A 191 5.18 30.20 3.88
N SER A 192 5.85 31.36 3.86
CA SER A 192 5.20 32.65 4.11
C SER A 192 5.79 33.78 3.26
N GLY A 193 5.09 34.92 3.23
CA GLY A 193 5.49 36.07 2.42
C GLY A 193 4.97 35.95 1.00
N VAL A 194 5.78 36.43 0.05
CA VAL A 194 5.45 36.30 -1.37
C VAL A 194 5.62 34.87 -1.86
N GLU A 195 6.54 34.14 -1.22
CA GLU A 195 6.83 32.75 -1.58
C GLU A 195 5.74 31.80 -1.09
N GLY A 196 5.04 32.21 -0.02
CA GLY A 196 3.92 31.44 0.51
C GLY A 196 2.70 31.55 -0.39
N ALA A 197 2.50 32.74 -0.94
CA ALA A 197 1.42 33.02 -1.88
C ALA A 197 1.50 32.17 -3.15
N ALA A 198 2.72 31.92 -3.61
CA ALA A 198 2.95 31.03 -4.76
C ALA A 198 2.57 29.59 -4.41
N PHE A 199 2.96 29.16 -3.22
CA PHE A 199 2.65 27.83 -2.73
C PHE A 199 1.13 27.65 -2.56
N GLN A 200 0.49 28.67 -2.01
CA GLN A 200 -0.95 28.65 -1.79
C GLN A 200 -1.73 28.68 -3.12
N SER A 201 -1.05 29.11 -4.18
CA SER A 201 -1.63 29.10 -5.53
C SER A 201 -1.11 27.93 -6.38
N ARG A 202 -0.47 26.96 -5.72
CA ARG A 202 0.08 25.75 -6.37
C ARG A 202 1.11 26.06 -7.46
N LEU A 203 1.87 27.14 -7.26
CA LEU A 203 2.89 27.59 -8.21
C LEU A 203 4.27 27.62 -7.59
N PRO A 204 5.30 27.20 -8.36
CA PRO A 204 6.69 27.33 -7.89
C PRO A 204 7.09 28.80 -7.84
N HIS A 205 7.56 29.25 -6.67
CA HIS A 205 7.83 30.68 -6.42
C HIS A 205 9.01 31.23 -7.17
N ASP A 206 9.94 30.35 -7.56
CA ASP A 206 11.19 30.78 -8.15
C ASP A 206 11.40 30.26 -9.58
N ARG A 207 10.30 29.89 -10.23
CA ARG A 207 10.34 29.37 -11.59
C ARG A 207 9.05 29.71 -12.32
N MET A 208 9.16 29.92 -13.64
CA MET A 208 7.99 30.19 -14.47
C MET A 208 7.36 28.88 -14.94
N THR A 209 6.04 28.80 -14.82
CA THR A 209 5.28 27.62 -15.26
C THR A 209 5.14 27.59 -16.78
N SER A 210 4.78 26.43 -17.31
CA SER A 210 4.51 26.25 -18.73
C SER A 210 3.45 27.22 -19.27
N GLN A 211 2.39 27.41 -18.48
CA GLN A 211 1.33 28.34 -18.84
C GLN A 211 1.86 29.79 -18.94
N GLU A 212 2.71 30.17 -18.00
CA GLU A 212 3.34 31.49 -17.97
C GLU A 212 4.28 31.68 -19.17
N ALA A 213 5.00 30.63 -19.52
CA ALA A 213 5.88 30.64 -20.69
C ALA A 213 5.08 30.93 -21.97
N ALA A 214 3.87 30.42 -22.04
CA ALA A 214 3.01 30.60 -23.21
C ALA A 214 2.52 32.05 -23.34
N CYS A 215 2.18 32.67 -22.22
CA CYS A 215 1.66 34.04 -22.21
C CYS A 215 2.76 35.10 -22.21
N PHE A 216 3.95 34.73 -21.73
CA PHE A 216 5.07 35.65 -21.62
C PHE A 216 6.33 35.05 -22.26
N PRO A 217 6.26 34.67 -23.55
CA PRO A 217 7.42 34.03 -24.18
C PRO A 217 8.62 34.97 -24.29
N ASP A 218 8.34 36.27 -24.33
CA ASP A 218 9.37 37.31 -24.33
C ASP A 218 10.22 37.24 -23.06
N ILE A 219 9.55 37.06 -21.92
CA ILE A 219 10.20 37.09 -20.61
C ILE A 219 11.00 35.82 -20.29
N ILE A 220 10.35 34.66 -20.45
CA ILE A 220 11.00 33.38 -20.13
C ILE A 220 12.23 33.10 -21.01
N SER A 221 12.17 33.48 -22.28
CA SER A 221 13.30 33.30 -23.20
C SER A 221 14.34 34.39 -23.02
N GLY A 222 13.95 35.46 -22.33
CA GLY A 222 14.83 36.62 -22.10
C GLY A 222 15.81 36.45 -20.96
N PRO A 223 16.39 37.57 -20.49
CA PRO A 223 17.37 37.58 -19.39
C PRO A 223 16.77 37.22 -18.02
N GLN A 224 17.58 36.51 -17.22
CA GLN A 224 17.19 36.00 -15.90
C GLN A 224 16.68 37.07 -14.93
N GLN A 225 17.24 38.27 -15.04
CA GLN A 225 16.88 39.37 -14.15
C GLN A 225 15.42 39.79 -14.32
N THR A 226 14.96 39.82 -15.57
CA THR A 226 13.58 40.17 -15.89
C THR A 226 12.61 39.10 -15.35
N GLN A 227 13.01 37.83 -15.48
CA GLN A 227 12.22 36.70 -14.97
C GLN A 227 11.93 36.83 -13.47
N LYS A 228 12.95 37.21 -12.71
CA LYS A 228 12.81 37.40 -11.26
C LYS A 228 11.90 38.58 -10.93
N VAL A 229 11.94 39.61 -11.77
CA VAL A 229 11.03 40.75 -11.65
C VAL A 229 9.61 40.27 -11.93
N PHE A 230 9.45 39.51 -13.01
CA PHE A 230 8.17 38.90 -13.35
C PHE A 230 7.65 38.05 -12.20
N LEU A 231 8.48 37.13 -11.74
CA LEU A 231 8.12 36.22 -10.66
C LEU A 231 7.67 36.95 -9.42
N PHE A 232 8.41 38.00 -9.04
CA PHE A 232 8.04 38.80 -7.86
C PHE A 232 6.70 39.51 -8.03
N ILE A 233 6.48 40.08 -9.21
CA ILE A 233 5.22 40.78 -9.49
C ILE A 233 4.07 39.80 -9.34
N ARG A 234 4.21 38.63 -9.98
CA ARG A 234 3.22 37.56 -9.89
C ARG A 234 2.96 37.15 -8.44
N ASN A 235 4.03 36.80 -7.72
CA ASN A 235 3.95 36.36 -6.33
C ASN A 235 3.33 37.41 -5.40
N ARG A 236 3.72 38.67 -5.60
CA ARG A 236 3.22 39.78 -4.77
C ARG A 236 1.73 40.04 -5.03
N THR A 237 1.33 39.97 -6.30
CA THR A 237 -0.08 40.16 -6.67
C THR A 237 -0.95 39.08 -6.05
N LEU A 238 -0.47 37.85 -6.10
CA LEU A 238 -1.14 36.71 -5.47
C LEU A 238 -1.31 36.93 -3.98
N GLN A 239 -0.23 37.36 -3.32
CA GLN A 239 -0.24 37.67 -1.90
C GLN A 239 -1.32 38.69 -1.56
N LEU A 240 -1.39 39.75 -2.36
CA LEU A 240 -2.37 40.82 -2.15
C LEU A 240 -3.80 40.30 -2.22
N TRP A 241 -4.09 39.47 -3.23
CA TRP A 241 -5.39 38.83 -3.36
C TRP A 241 -5.68 37.91 -2.21
N LEU A 242 -4.68 37.12 -1.82
CA LEU A 242 -4.86 36.14 -0.76
C LEU A 242 -5.09 36.76 0.60
N ASP A 243 -4.37 37.84 0.90
CA ASP A 243 -4.52 38.56 2.17
C ASP A 243 -5.92 39.11 2.36
N ASN A 244 -6.60 39.41 1.26
CA ASN A 244 -7.98 39.88 1.29
C ASN A 244 -8.77 39.38 0.08
N PRO A 245 -9.39 38.19 0.22
CA PRO A 245 -10.11 37.58 -0.89
C PRO A 245 -11.61 37.90 -0.92
N LYS A 246 -12.04 38.85 -0.10
CA LYS A 246 -13.45 39.26 -0.08
C LYS A 246 -13.73 40.49 -0.96
N ILE A 247 -12.68 41.13 -1.45
CA ILE A 247 -12.80 42.27 -2.37
C ILE A 247 -11.98 42.04 -3.64
N GLN A 248 -12.48 42.54 -4.77
CA GLN A 248 -11.80 42.45 -6.06
C GLN A 248 -10.45 43.17 -6.00
N LEU A 249 -9.42 42.53 -6.54
CA LEU A 249 -8.11 43.16 -6.67
C LEU A 249 -7.90 43.66 -8.09
N THR A 250 -7.94 44.98 -8.25
CA THR A 250 -7.81 45.62 -9.56
C THR A 250 -6.35 45.90 -9.90
N PHE A 251 -6.10 46.25 -11.16
CA PHE A 251 -4.75 46.61 -11.61
C PHE A 251 -4.23 47.85 -10.88
N GLU A 252 -5.11 48.83 -10.69
CA GLU A 252 -4.77 50.07 -9.99
C GLU A 252 -4.29 49.81 -8.57
N ALA A 253 -5.09 49.03 -7.83
CA ALA A 253 -4.76 48.66 -6.45
C ALA A 253 -3.44 47.89 -6.35
N THR A 254 -3.17 47.06 -7.36
CA THR A 254 -1.96 46.24 -7.40
C THR A 254 -0.72 47.09 -7.60
N LEU A 255 -0.77 47.98 -8.60
CA LEU A 255 0.34 48.88 -8.93
C LEU A 255 0.64 49.84 -7.78
N GLN A 256 -0.42 50.26 -7.09
CA GLN A 256 -0.31 51.13 -5.93
C GLN A 256 0.58 50.55 -4.83
N GLN A 257 0.41 49.25 -4.56
CA GLN A 257 1.14 48.58 -3.49
C GLN A 257 2.47 47.97 -3.91
N LEU A 258 2.83 48.13 -5.18
CA LEU A 258 4.13 47.68 -5.68
C LEU A 258 5.22 48.73 -5.49
N GLU A 259 6.45 48.26 -5.30
CA GLU A 259 7.60 49.12 -5.07
C GLU A 259 8.52 49.18 -6.29
N ALA A 260 9.45 50.13 -6.27
CA ALA A 260 10.52 50.18 -7.25
C ALA A 260 11.52 49.06 -6.94
N PRO A 261 12.14 48.46 -7.97
CA PRO A 261 12.02 48.76 -9.40
C PRO A 261 10.87 48.01 -10.09
N TYR A 262 10.00 47.39 -9.30
CA TYR A 262 8.95 46.52 -9.83
C TYR A 262 7.76 47.30 -10.42
N ASN A 263 7.44 48.45 -9.81
CA ASN A 263 6.33 49.29 -10.29
C ASN A 263 6.72 50.28 -11.39
N SER A 264 7.92 50.13 -11.95
CA SER A 264 8.41 51.00 -13.00
C SER A 264 7.81 50.64 -14.36
N ASP A 265 7.80 49.36 -14.68
CA ASP A 265 7.20 48.86 -15.92
C ASP A 265 5.72 48.56 -15.69
N THR A 266 4.85 49.49 -16.09
CA THR A 266 3.41 49.36 -15.83
C THR A 266 2.71 48.40 -16.78
N VAL A 267 3.23 48.23 -17.99
CA VAL A 267 2.66 47.26 -18.94
C VAL A 267 2.97 45.81 -18.54
N LEU A 268 4.14 45.61 -17.92
CA LEU A 268 4.47 44.30 -17.36
C LEU A 268 3.54 43.94 -16.19
N VAL A 269 3.28 44.91 -15.33
CA VAL A 269 2.36 44.73 -14.20
C VAL A 269 0.93 44.47 -14.70
N HIS A 270 0.53 45.17 -15.77
CA HIS A 270 -0.80 45.00 -16.34
C HIS A 270 -0.96 43.67 -17.03
N ARG A 271 0.12 43.20 -17.68
CA ARG A 271 0.12 41.90 -18.33
C ARG A 271 0.01 40.77 -17.30
N VAL A 272 0.77 40.88 -16.21
CA VAL A 272 0.77 39.88 -15.13
C VAL A 272 -0.61 39.80 -14.47
N HIS A 273 -1.13 40.95 -14.05
CA HIS A 273 -2.43 41.01 -13.40
C HIS A 273 -3.52 40.42 -14.25
N SER A 274 -3.54 40.80 -15.54
CA SER A 274 -4.56 40.32 -16.48
C SER A 274 -4.51 38.81 -16.62
N TYR A 275 -3.29 38.27 -16.70
CA TYR A 275 -3.05 36.83 -16.77
C TYR A 275 -3.64 36.11 -15.55
N LEU A 276 -3.40 36.65 -14.37
CA LEU A 276 -3.85 36.04 -13.13
C LEU A 276 -5.37 36.11 -12.97
N GLU A 277 -5.95 37.19 -13.46
CA GLU A 277 -7.40 37.37 -13.37
C GLU A 277 -8.11 36.44 -14.35
N ARG A 278 -7.54 36.33 -15.55
CA ARG A 278 -8.10 35.51 -16.61
C ARG A 278 -8.12 34.04 -16.24
N HIS A 279 -7.02 33.57 -15.65
CA HIS A 279 -6.89 32.16 -15.28
C HIS A 279 -7.33 31.86 -13.87
N GLY A 280 -8.08 32.78 -13.27
CA GLY A 280 -8.73 32.57 -11.99
C GLY A 280 -7.85 32.32 -10.78
N LEU A 281 -6.62 32.81 -10.84
CA LEU A 281 -5.70 32.74 -9.71
C LEU A 281 -5.99 33.86 -8.71
N ILE A 282 -6.47 34.99 -9.23
CA ILE A 282 -6.96 36.09 -8.41
C ILE A 282 -8.38 36.44 -8.84
N ASN A 283 -9.15 37.04 -7.93
CA ASN A 283 -10.55 37.40 -8.18
C ASN A 283 -11.39 36.22 -8.67
N PHE A 284 -11.43 35.16 -7.86
CA PHE A 284 -12.28 34.00 -8.14
C PHE A 284 -13.15 33.70 -6.93
N GLY A 285 -14.32 33.11 -7.19
CA GLY A 285 -15.25 32.77 -6.12
C GLY A 285 -16.22 33.89 -5.86
N ILE A 286 -16.34 34.30 -4.60
CA ILE A 286 -17.31 35.31 -4.18
C ILE A 286 -16.61 36.51 -3.56
N TYR A 287 -16.62 37.62 -4.28
CA TYR A 287 -15.93 38.84 -3.88
C TYR A 287 -16.74 40.06 -4.28
N LYS A 288 -16.59 41.14 -3.51
CA LYS A 288 -17.22 42.42 -3.84
C LYS A 288 -16.48 43.08 -5.00
N ARG A 289 -17.25 43.50 -6.01
CA ARG A 289 -16.72 44.14 -7.18
C ARG A 289 -16.56 45.64 -6.96
N ILE A 290 -15.43 46.19 -7.40
CA ILE A 290 -15.21 47.63 -7.31
C ILE A 290 -15.73 48.33 -8.56
N LYS A 291 -15.44 47.75 -9.72
CA LYS A 291 -15.93 48.27 -11.00
C LYS A 291 -17.16 47.45 -11.44
N PRO A 292 -18.38 47.95 -11.16
CA PRO A 292 -19.60 47.21 -11.50
C PRO A 292 -19.61 46.68 -12.93
N LEU A 293 -20.13 45.47 -13.11
CA LEU A 293 -20.06 44.72 -14.36
C LEU A 293 -20.38 45.53 -15.64
N PRO A 294 -19.59 45.33 -16.71
CA PRO A 294 -19.82 45.93 -18.02
C PRO A 294 -21.30 45.89 -18.42
N THR A 295 -21.81 47.04 -18.84
CA THR A 295 -23.24 47.22 -19.13
C THR A 295 -23.81 46.22 -20.16
N LYS A 296 -23.08 46.02 -21.26
CA LYS A 296 -23.48 45.04 -22.27
C LYS A 296 -22.48 43.90 -22.42
N LYS A 297 -23.01 42.71 -22.67
CA LYS A 297 -22.23 41.48 -22.67
C LYS A 297 -21.66 41.12 -24.04
N THR A 298 -20.61 40.33 -24.04
CA THR A 298 -19.98 39.85 -25.27
C THR A 298 -19.97 38.34 -25.29
N GLY A 299 -20.52 37.75 -26.36
CA GLY A 299 -20.57 36.30 -26.52
C GLY A 299 -21.62 35.63 -25.65
N LYS A 300 -22.00 34.41 -26.02
CA LYS A 300 -23.02 33.66 -25.29
C LYS A 300 -22.58 32.20 -25.03
N VAL A 301 -22.55 31.81 -23.76
CA VAL A 301 -22.12 30.46 -23.37
C VAL A 301 -23.20 29.72 -22.59
N ILE A 302 -23.47 28.48 -23.00
CA ILE A 302 -24.31 27.56 -22.26
C ILE A 302 -23.42 26.60 -21.47
N ILE A 303 -23.67 26.51 -20.16
CA ILE A 303 -22.96 25.57 -19.30
C ILE A 303 -23.90 24.46 -18.87
N ILE A 304 -23.57 23.22 -19.26
CA ILE A 304 -24.33 22.06 -18.86
C ILE A 304 -23.90 21.61 -17.46
N GLY A 305 -24.85 21.63 -16.53
CA GLY A 305 -24.62 21.23 -15.14
C GLY A 305 -24.19 22.38 -14.25
N SER A 306 -24.88 22.52 -13.12
CA SER A 306 -24.50 23.51 -12.10
C SER A 306 -23.87 22.84 -10.87
N GLY A 307 -22.96 21.91 -11.12
CA GLY A 307 -22.06 21.41 -10.09
C GLY A 307 -21.08 22.51 -9.73
N VAL A 308 -20.07 22.20 -8.93
CA VAL A 308 -19.08 23.20 -8.55
C VAL A 308 -18.24 23.63 -9.76
N SER A 309 -17.89 22.67 -10.63
CA SER A 309 -17.12 23.00 -11.82
C SER A 309 -17.91 23.94 -12.74
N GLY A 310 -19.20 23.64 -12.92
CA GLY A 310 -20.09 24.48 -13.71
C GLY A 310 -20.23 25.88 -13.14
N LEU A 311 -20.49 25.96 -11.83
CA LEU A 311 -20.69 27.24 -11.14
C LEU A 311 -19.42 28.08 -11.12
N ALA A 312 -18.27 27.43 -10.95
CA ALA A 312 -17.00 28.12 -10.91
C ALA A 312 -16.74 28.85 -12.24
N ALA A 313 -16.96 28.15 -13.34
CA ALA A 313 -16.81 28.72 -14.69
C ALA A 313 -17.80 29.85 -14.93
N ALA A 314 -19.07 29.59 -14.64
CA ALA A 314 -20.14 30.57 -14.80
C ALA A 314 -19.78 31.91 -14.19
N ARG A 315 -19.35 31.89 -12.92
CA ARG A 315 -18.97 33.11 -12.22
C ARG A 315 -17.84 33.85 -12.94
N GLN A 316 -16.84 33.08 -13.38
CA GLN A 316 -15.70 33.65 -14.09
C GLN A 316 -16.10 34.30 -15.40
N LEU A 317 -16.88 33.58 -16.20
CA LEU A 317 -17.28 34.05 -17.52
C LEU A 317 -18.14 35.31 -17.42
N GLN A 318 -19.06 35.32 -16.44
CA GLN A 318 -19.84 36.51 -16.13
C GLN A 318 -18.93 37.66 -15.68
N SER A 319 -17.90 37.35 -14.90
CA SER A 319 -16.89 38.34 -14.48
C SER A 319 -16.18 38.93 -15.68
N PHE A 320 -16.08 38.16 -16.75
CA PHE A 320 -15.40 38.59 -17.96
C PHE A 320 -16.36 39.27 -18.93
N GLY A 321 -17.63 39.38 -18.51
CA GLY A 321 -18.66 40.05 -19.30
C GLY A 321 -19.18 39.21 -20.45
N MET A 322 -19.47 37.94 -20.17
CA MET A 322 -20.10 37.07 -21.16
C MET A 322 -21.53 36.76 -20.72
N ASP A 323 -22.36 36.37 -21.68
CA ASP A 323 -23.73 35.96 -21.39
C ASP A 323 -23.70 34.47 -21.05
N VAL A 324 -24.03 34.16 -19.79
CA VAL A 324 -23.91 32.79 -19.29
C VAL A 324 -25.25 32.26 -18.77
N THR A 325 -25.61 31.06 -19.22
CA THR A 325 -26.77 30.35 -18.70
C THR A 325 -26.40 28.90 -18.40
N LEU A 326 -26.70 28.46 -17.18
CA LEU A 326 -26.48 27.09 -16.77
C LEU A 326 -27.77 26.27 -16.86
N LEU A 327 -27.64 25.05 -17.37
CA LEU A 327 -28.76 24.13 -17.46
C LEU A 327 -28.55 22.96 -16.50
N GLU A 328 -29.34 22.96 -15.43
CA GLU A 328 -29.26 21.93 -14.39
C GLU A 328 -30.46 21.00 -14.49
N ALA A 329 -30.20 19.70 -14.48
CA ALA A 329 -31.25 18.68 -14.51
C ALA A 329 -31.96 18.56 -13.16
N ARG A 330 -31.20 18.70 -12.07
CA ARG A 330 -31.74 18.62 -10.71
C ARG A 330 -32.57 19.86 -10.36
N ASP A 331 -33.31 19.76 -9.25
CA ASP A 331 -34.05 20.90 -8.69
C ASP A 331 -33.20 21.70 -7.70
N ARG A 332 -31.89 21.49 -7.75
CA ARG A 332 -30.93 22.16 -6.87
C ARG A 332 -29.58 22.29 -7.55
N VAL A 333 -28.77 23.24 -7.06
CA VAL A 333 -27.39 23.36 -7.49
C VAL A 333 -26.48 22.47 -6.63
N GLY A 334 -25.23 22.30 -7.06
CA GLY A 334 -24.23 21.60 -6.25
C GLY A 334 -23.82 20.24 -6.79
N GLY A 335 -24.76 19.56 -7.43
CA GLY A 335 -24.48 18.26 -8.03
C GLY A 335 -24.06 17.24 -7.00
N ARG A 336 -22.83 16.77 -7.12
CA ARG A 336 -22.27 15.79 -6.19
C ARG A 336 -21.89 16.42 -4.84
N VAL A 337 -22.19 17.70 -4.67
CA VAL A 337 -22.19 18.32 -3.36
C VAL A 337 -23.65 18.38 -2.92
N ALA A 338 -24.08 17.32 -2.25
CA ALA A 338 -25.43 17.20 -1.74
C ALA A 338 -25.39 17.23 -0.21
N THR A 339 -26.34 17.97 0.37
CA THR A 339 -26.45 18.09 1.82
C THR A 339 -27.87 17.79 2.27
N PHE A 340 -27.99 16.81 3.17
CA PHE A 340 -29.26 16.51 3.80
C PHE A 340 -29.54 17.53 4.89
N ARG A 341 -30.76 18.06 4.89
CA ARG A 341 -31.20 19.04 5.88
C ARG A 341 -32.62 18.75 6.35
N LYS A 342 -32.77 18.63 7.67
CA LYS A 342 -34.06 18.44 8.31
C LYS A 342 -33.93 18.81 9.78
N GLY A 343 -34.70 19.80 10.21
CA GLY A 343 -34.63 20.31 11.57
C GLY A 343 -33.26 20.89 11.89
N ASN A 344 -32.52 20.18 12.72
CA ASN A 344 -31.16 20.58 13.09
C ASN A 344 -30.15 19.59 12.55
N TYR A 345 -30.65 18.48 12.02
CA TYR A 345 -29.82 17.46 11.40
C TYR A 345 -29.31 17.96 10.05
N VAL A 346 -27.98 18.00 9.93
CA VAL A 346 -27.32 18.43 8.69
C VAL A 346 -26.18 17.45 8.41
N ALA A 347 -26.28 16.72 7.30
CA ALA A 347 -25.26 15.75 6.92
C ALA A 347 -25.07 15.66 5.41
N ASP A 348 -23.81 15.61 4.97
CA ASP A 348 -23.49 15.55 3.55
C ASP A 348 -23.58 14.13 2.99
N LEU A 349 -24.33 14.00 1.91
CA LEU A 349 -24.42 12.73 1.18
C LEU A 349 -23.40 12.68 0.05
N GLY A 350 -22.80 13.83 -0.24
CA GLY A 350 -21.78 13.93 -1.28
C GLY A 350 -20.43 14.22 -0.67
N ALA A 351 -19.72 15.19 -1.23
CA ALA A 351 -18.44 15.62 -0.65
C ALA A 351 -18.66 16.15 0.76
N MET A 352 -17.66 15.99 1.61
CA MET A 352 -17.79 16.23 3.04
C MET A 352 -16.51 16.82 3.61
N VAL A 353 -15.38 16.44 3.01
CA VAL A 353 -14.06 16.75 3.57
C VAL A 353 -13.31 17.75 2.70
N VAL A 354 -12.80 18.80 3.34
CA VAL A 354 -11.79 19.65 2.74
C VAL A 354 -10.44 19.01 3.06
N THR A 355 -9.74 18.55 2.04
CA THR A 355 -8.53 17.74 2.24
C THR A 355 -7.27 18.56 2.50
N GLY A 356 -7.33 19.43 3.51
CA GLY A 356 -6.19 20.26 3.89
C GLY A 356 -6.16 21.59 3.18
N LEU A 357 -5.88 22.65 3.93
CA LEU A 357 -5.94 24.02 3.41
C LEU A 357 -4.64 24.49 2.73
N GLY A 358 -3.58 23.70 2.84
CA GLY A 358 -2.27 24.09 2.34
C GLY A 358 -2.15 24.05 0.82
N GLY A 359 -2.56 25.13 0.17
CA GLY A 359 -2.53 25.22 -1.29
C GLY A 359 -3.87 24.89 -1.90
N ASN A 360 -4.89 24.78 -1.05
CA ASN A 360 -6.24 24.45 -1.45
C ASN A 360 -6.98 25.72 -1.85
N PRO A 361 -7.53 25.76 -3.08
CA PRO A 361 -8.35 26.91 -3.47
C PRO A 361 -9.60 27.03 -2.60
N MET A 362 -9.99 25.94 -1.94
CA MET A 362 -11.15 25.97 -1.04
C MET A 362 -10.87 26.76 0.22
N ALA A 363 -9.58 26.97 0.53
CA ALA A 363 -9.16 27.82 1.64
C ALA A 363 -9.59 29.27 1.39
N VAL A 364 -9.39 29.72 0.15
CA VAL A 364 -9.83 31.04 -0.29
C VAL A 364 -11.35 31.14 -0.21
N VAL A 365 -12.04 30.12 -0.74
CA VAL A 365 -13.49 30.06 -0.72
C VAL A 365 -14.04 30.10 0.70
N SER A 366 -13.37 29.41 1.63
CA SER A 366 -13.81 29.33 3.02
C SER A 366 -13.72 30.66 3.76
N LYS A 367 -12.89 31.57 3.26
CA LYS A 367 -12.84 32.92 3.80
C LYS A 367 -13.96 33.79 3.21
N GLN A 368 -14.40 33.43 2.01
CA GLN A 368 -15.47 34.15 1.31
C GLN A 368 -16.86 33.68 1.75
N VAL A 369 -16.96 32.41 2.13
CA VAL A 369 -18.22 31.79 2.51
C VAL A 369 -18.18 31.40 3.98
N ASN A 370 -19.31 31.55 4.67
CA ASN A 370 -19.44 31.09 6.05
C ASN A 370 -19.38 29.56 6.14
N MET A 371 -18.17 29.03 6.06
CA MET A 371 -17.93 27.60 6.21
C MET A 371 -17.44 27.32 7.63
N GLU A 372 -18.21 26.55 8.38
CA GLU A 372 -17.82 26.15 9.72
C GLU A 372 -16.91 24.92 9.60
N LEU A 373 -15.61 25.18 9.44
CA LEU A 373 -14.63 24.11 9.23
C LEU A 373 -14.09 23.55 10.54
N ALA A 374 -14.26 22.24 10.72
CA ALA A 374 -13.80 21.56 11.92
C ALA A 374 -12.83 20.42 11.58
N LYS A 375 -11.69 20.41 12.25
CA LYS A 375 -10.63 19.42 12.01
C LYS A 375 -11.08 18.00 12.34
N ILE A 376 -10.55 17.02 11.60
CA ILE A 376 -10.83 15.61 11.84
C ILE A 376 -9.73 15.00 12.68
N LYS A 377 -10.10 14.50 13.86
CA LYS A 377 -9.17 13.75 14.72
C LYS A 377 -8.89 12.40 14.07
N GLN A 378 -7.61 12.11 13.87
CA GLN A 378 -7.16 10.97 13.08
C GLN A 378 -7.50 9.60 13.67
N LYS A 379 -7.53 9.50 14.99
CA LYS A 379 -7.66 8.21 15.69
C LYS A 379 -8.95 7.46 15.35
N CYS A 380 -8.79 6.22 14.89
CA CYS A 380 -9.92 5.39 14.48
C CYS A 380 -9.83 3.98 15.08
N PRO A 381 -10.53 3.75 16.22
CA PRO A 381 -10.57 2.41 16.81
C PRO A 381 -11.43 1.44 16.01
N LEU A 382 -10.88 0.26 15.75
CA LEU A 382 -11.58 -0.79 15.02
C LEU A 382 -12.34 -1.72 15.97
N TYR A 383 -13.40 -2.34 15.47
CA TYR A 383 -14.20 -3.27 16.25
C TYR A 383 -14.55 -4.47 15.39
N GLU A 384 -14.09 -5.65 15.80
CA GLU A 384 -14.32 -6.90 15.06
C GLU A 384 -15.80 -7.26 15.00
N ALA A 385 -16.11 -8.30 14.21
CA ALA A 385 -17.49 -8.76 14.03
C ALA A 385 -18.21 -9.01 15.36
N ASN A 386 -17.48 -9.54 16.35
CA ASN A 386 -18.02 -9.80 17.69
C ASN A 386 -18.53 -8.55 18.41
N GLY A 387 -17.95 -7.39 18.06
CA GLY A 387 -18.33 -6.12 18.66
C GLY A 387 -17.33 -5.64 19.70
N GLN A 388 -16.12 -6.19 19.65
CA GLN A 388 -15.08 -5.81 20.60
C GLN A 388 -13.83 -5.29 19.93
N ALA A 389 -13.20 -4.30 20.57
CA ALA A 389 -12.03 -3.62 20.02
C ALA A 389 -10.88 -4.55 19.65
N VAL A 390 -10.15 -4.19 18.61
CA VAL A 390 -8.88 -4.82 18.30
C VAL A 390 -7.83 -4.19 19.21
N PRO A 391 -7.08 -5.04 19.94
CA PRO A 391 -6.04 -4.55 20.85
C PRO A 391 -4.90 -3.85 20.10
N LYS A 392 -4.36 -2.80 20.69
CA LYS A 392 -3.28 -1.98 20.09
C LYS A 392 -2.15 -2.83 19.50
N GLU A 393 -1.96 -4.02 20.06
CA GLU A 393 -1.01 -5.00 19.54
C GLU A 393 -1.29 -5.36 18.09
N LYS A 394 -2.48 -5.90 17.84
CA LYS A 394 -2.88 -6.31 16.48
C LYS A 394 -3.24 -5.13 15.59
N ASP A 395 -3.87 -4.12 16.18
CA ASP A 395 -4.23 -2.90 15.47
C ASP A 395 -3.00 -2.14 14.97
N GLU A 396 -1.85 -2.79 15.03
CA GLU A 396 -0.60 -2.22 14.53
C GLU A 396 0.17 -3.20 13.66
N MET A 397 0.11 -4.49 14.01
CA MET A 397 0.69 -5.55 13.18
C MET A 397 0.06 -5.52 11.80
N VAL A 398 -1.26 -5.35 11.77
CA VAL A 398 -2.02 -5.38 10.52
C VAL A 398 -1.84 -4.09 9.72
N GLU A 399 -2.02 -2.94 10.38
CA GLU A 399 -1.86 -1.65 9.72
C GLU A 399 -0.47 -1.51 9.10
N GLN A 400 0.55 -1.79 9.90
CA GLN A 400 1.93 -1.73 9.44
C GLN A 400 2.17 -2.71 8.29
N GLU A 401 1.52 -3.86 8.36
CA GLU A 401 1.59 -4.86 7.29
C GLU A 401 0.89 -4.36 6.03
N PHE A 402 -0.26 -3.71 6.22
CA PHE A 402 -1.00 -3.09 5.13
C PHE A 402 -0.13 -2.10 4.36
N ASN A 403 0.49 -1.17 5.10
CA ASN A 403 1.40 -0.18 4.51
C ASN A 403 2.58 -0.84 3.82
N ARG A 404 3.09 -1.91 4.44
CA ARG A 404 4.18 -2.72 3.89
C ARG A 404 3.78 -3.39 2.58
N LEU A 405 2.55 -3.91 2.55
CA LEU A 405 2.00 -4.55 1.36
C LEU A 405 1.79 -3.58 0.19
N LEU A 406 1.45 -2.34 0.51
CA LEU A 406 1.32 -1.29 -0.50
C LEU A 406 2.67 -0.94 -1.14
N GLU A 407 3.67 -0.66 -0.30
CA GLU A 407 5.03 -0.41 -0.77
C GLU A 407 5.51 -1.55 -1.65
N ALA A 408 5.11 -2.78 -1.27
CA ALA A 408 5.48 -3.99 -2.00
C ALA A 408 4.91 -4.01 -3.41
N THR A 409 3.68 -3.54 -3.57
CA THR A 409 3.06 -3.46 -4.90
C THR A 409 3.77 -2.40 -5.74
N SER A 410 4.11 -1.28 -5.10
CA SER A 410 4.86 -0.21 -5.74
C SER A 410 6.21 -0.73 -6.25
N TYR A 411 6.84 -1.59 -5.45
CA TYR A 411 8.07 -2.27 -5.84
C TYR A 411 7.85 -3.19 -7.04
N LEU A 412 6.76 -3.94 -7.02
CA LEU A 412 6.39 -4.82 -8.15
C LEU A 412 6.18 -4.05 -9.45
N SER A 413 5.63 -2.85 -9.33
CA SER A 413 5.34 -2.02 -10.49
C SER A 413 6.62 -1.39 -11.05
N HIS A 414 7.25 -0.54 -10.25
CA HIS A 414 8.35 0.30 -10.73
C HIS A 414 9.67 -0.42 -10.89
N GLN A 415 9.92 -1.42 -10.05
CA GLN A 415 11.22 -2.10 -10.02
C GLN A 415 11.24 -3.43 -10.77
N LEU A 416 10.12 -4.13 -10.82
CA LEU A 416 10.05 -5.42 -11.51
C LEU A 416 9.23 -5.38 -12.81
N ASP A 417 8.73 -4.19 -13.15
CA ASP A 417 7.91 -3.94 -14.36
C ASP A 417 6.78 -4.96 -14.54
N PHE A 418 6.14 -5.32 -13.43
CA PHE A 418 5.04 -6.27 -13.42
C PHE A 418 3.73 -5.50 -13.61
N ASN A 419 3.44 -5.15 -14.85
CA ASN A 419 2.31 -4.27 -15.16
C ASN A 419 1.35 -4.81 -16.22
N VAL A 420 1.81 -5.79 -17.00
CA VAL A 420 0.94 -6.50 -17.95
C VAL A 420 0.98 -7.99 -17.65
N LEU A 421 -0.20 -8.62 -17.60
CA LEU A 421 -0.32 -10.05 -17.37
C LEU A 421 -1.40 -10.66 -18.26
N ASN A 422 -0.96 -11.49 -19.21
CA ASN A 422 -1.84 -12.11 -20.22
C ASN A 422 -2.53 -11.06 -21.10
N ASN A 423 -1.73 -10.11 -21.58
CA ASN A 423 -2.22 -8.95 -22.37
C ASN A 423 -3.02 -7.92 -21.58
N LYS A 424 -3.63 -8.36 -20.47
CA LYS A 424 -4.42 -7.49 -19.62
C LYS A 424 -3.52 -6.69 -18.66
N PRO A 425 -3.86 -5.41 -18.43
CA PRO A 425 -3.11 -4.61 -17.45
C PRO A 425 -3.33 -5.07 -16.01
N VAL A 426 -2.26 -5.11 -15.23
CA VAL A 426 -2.32 -5.56 -13.84
C VAL A 426 -3.00 -4.51 -12.97
N SER A 427 -3.92 -4.96 -12.11
CA SER A 427 -4.58 -4.08 -11.16
C SER A 427 -3.88 -4.09 -9.80
N LEU A 428 -4.23 -3.13 -8.94
CA LEU A 428 -3.71 -3.07 -7.58
C LEU A 428 -4.09 -4.31 -6.77
N GLY A 429 -5.35 -4.72 -6.88
CA GLY A 429 -5.86 -5.93 -6.23
C GLY A 429 -5.09 -7.17 -6.62
N GLN A 430 -4.99 -7.43 -7.93
CA GLN A 430 -4.16 -8.50 -8.47
C GLN A 430 -2.77 -8.53 -7.84
N ALA A 431 -2.14 -7.36 -7.78
CA ALA A 431 -0.78 -7.21 -7.28
C ALA A 431 -0.68 -7.50 -5.79
N LEU A 432 -1.66 -6.99 -5.03
CA LEU A 432 -1.73 -7.22 -3.58
C LEU A 432 -1.89 -8.70 -3.26
N GLU A 433 -2.64 -9.40 -4.11
CA GLU A 433 -2.87 -10.83 -3.97
C GLU A 433 -1.56 -11.58 -4.20
N VAL A 434 -0.89 -11.26 -5.30
CA VAL A 434 0.41 -11.84 -5.64
C VAL A 434 1.42 -11.62 -4.52
N VAL A 435 1.46 -10.40 -3.97
CA VAL A 435 2.38 -10.07 -2.88
C VAL A 435 2.07 -10.91 -1.64
N ILE A 436 0.79 -11.02 -1.29
CA ILE A 436 0.36 -11.83 -0.13
C ILE A 436 0.75 -13.30 -0.31
N GLN A 437 0.49 -13.84 -1.49
CA GLN A 437 0.82 -15.23 -1.81
C GLN A 437 2.32 -15.50 -1.64
N LEU A 438 3.15 -14.56 -2.08
CA LEU A 438 4.60 -14.67 -1.94
C LEU A 438 5.05 -14.55 -0.47
N GLN A 439 4.23 -13.90 0.35
CA GLN A 439 4.52 -13.79 1.78
C GLN A 439 4.13 -15.07 2.49
N GLU A 440 3.08 -15.72 1.99
CA GLU A 440 2.68 -17.03 2.47
C GLU A 440 3.67 -18.11 2.00
N LYS A 441 4.19 -17.92 0.78
CA LYS A 441 5.19 -18.82 0.22
C LYS A 441 6.47 -18.80 1.05
N HIS A 442 6.95 -17.60 1.37
CA HIS A 442 8.16 -17.42 2.17
C HIS A 442 8.01 -18.02 3.55
N VAL A 443 6.83 -17.84 4.15
CA VAL A 443 6.55 -18.43 5.47
C VAL A 443 6.76 -19.95 5.46
N LYS A 444 6.28 -20.60 4.40
CA LYS A 444 6.44 -22.04 4.23
C LYS A 444 7.88 -22.41 3.87
N ASP A 445 8.49 -21.65 2.97
CA ASP A 445 9.90 -21.83 2.61
C ASP A 445 10.79 -21.84 3.86
N GLU A 446 10.48 -20.95 4.81
CA GLU A 446 11.20 -20.83 6.07
C GLU A 446 11.05 -22.07 6.94
N GLN A 447 9.81 -22.53 7.09
CA GLN A 447 9.52 -23.73 7.89
C GLN A 447 10.23 -24.95 7.32
N ILE A 448 10.09 -25.17 6.02
CA ILE A 448 10.71 -26.28 5.33
C ILE A 448 12.22 -26.35 5.62
N GLU A 449 12.93 -25.24 5.41
CA GLU A 449 14.38 -25.21 5.65
C GLU A 449 14.77 -25.25 7.14
N HIS A 450 13.81 -25.00 8.01
CA HIS A 450 14.02 -25.10 9.46
C HIS A 450 13.90 -26.53 9.94
N TRP A 451 12.87 -27.23 9.46
CA TRP A 451 12.71 -28.65 9.73
C TRP A 451 13.74 -29.46 8.99
N LYS A 452 14.24 -28.91 7.88
CA LYS A 452 15.33 -29.50 7.11
C LYS A 452 16.65 -29.42 7.90
N LYS A 453 16.78 -28.36 8.71
CA LYS A 453 17.91 -28.22 9.63
C LYS A 453 17.83 -29.27 10.74
N ILE A 454 16.61 -29.61 11.13
CA ILE A 454 16.40 -30.60 12.18
C ILE A 454 16.76 -32.02 11.73
N VAL A 455 16.26 -32.45 10.57
CA VAL A 455 16.58 -33.78 10.05
C VAL A 455 18.07 -34.00 9.80
N LYS A 456 18.77 -32.96 9.34
CA LYS A 456 20.21 -33.06 9.10
C LYS A 456 20.96 -33.32 10.41
N THR A 457 20.53 -32.64 11.47
CA THR A 457 21.12 -32.78 12.80
C THR A 457 20.67 -34.07 13.48
N GLN A 458 19.39 -34.42 13.30
CA GLN A 458 18.82 -35.66 13.82
C GLN A 458 19.47 -36.88 13.16
N GLU A 459 19.87 -36.73 11.91
CA GLU A 459 20.50 -37.81 11.14
C GLU A 459 21.99 -37.90 11.44
N GLU A 460 22.58 -36.80 11.92
CA GLU A 460 23.94 -36.81 12.44
C GLU A 460 23.97 -37.56 13.77
N LEU A 461 22.90 -37.40 14.54
CA LEU A 461 22.74 -38.11 15.81
C LEU A 461 22.55 -39.60 15.58
N LYS A 462 21.80 -39.96 14.54
CA LYS A 462 21.55 -41.35 14.18
C LYS A 462 22.86 -42.09 13.86
N GLU A 463 23.71 -41.45 13.05
CA GLU A 463 25.00 -42.04 12.70
C GLU A 463 25.94 -42.15 13.91
N LEU A 464 25.84 -41.19 14.83
CA LEU A 464 26.66 -41.19 16.02
C LEU A 464 26.21 -42.27 17.01
N LEU A 465 24.90 -42.43 17.17
CA LEU A 465 24.34 -43.45 18.06
C LEU A 465 24.64 -44.86 17.56
N ASN A 466 24.68 -45.03 16.24
CA ASN A 466 25.10 -46.30 15.64
C ASN A 466 26.54 -46.63 15.96
N LYS A 467 27.43 -45.64 15.79
CA LYS A 467 28.84 -45.79 16.11
C LYS A 467 29.03 -46.08 17.60
N MET A 468 28.17 -45.50 18.43
CA MET A 468 28.20 -45.71 19.88
C MET A 468 27.75 -47.11 20.30
N VAL A 469 26.68 -47.60 19.69
CA VAL A 469 26.17 -48.95 19.96
C VAL A 469 27.18 -50.02 19.53
N ASN A 470 27.84 -49.79 18.40
CA ASN A 470 28.88 -50.69 17.91
C ASN A 470 30.15 -50.67 18.75
N LEU A 471 30.42 -49.53 19.38
CA LEU A 471 31.60 -49.40 20.22
C LEU A 471 31.35 -49.99 21.61
N LYS A 472 30.16 -49.75 22.15
CA LYS A 472 29.74 -50.38 23.40
C LYS A 472 29.69 -51.90 23.24
N GLU A 473 29.52 -52.35 22.00
CA GLU A 473 29.54 -53.77 21.69
C GLU A 473 30.96 -54.34 21.79
N LYS A 474 31.91 -53.65 21.16
CA LYS A 474 33.32 -54.07 21.20
C LYS A 474 33.92 -53.93 22.59
N ILE A 475 33.50 -52.90 23.32
CA ILE A 475 33.93 -52.69 24.71
C ILE A 475 33.45 -53.82 25.61
N LYS A 476 32.19 -54.22 25.43
CA LYS A 476 31.59 -55.32 26.16
C LYS A 476 32.39 -56.61 26.00
N GLU A 477 32.71 -56.95 24.75
CA GLU A 477 33.48 -58.15 24.41
C GLU A 477 34.93 -58.05 24.89
N LEU A 478 35.53 -56.86 24.73
CA LEU A 478 36.94 -56.65 25.07
C LEU A 478 37.17 -56.69 26.58
N HIS A 479 36.18 -56.26 27.35
CA HIS A 479 36.24 -56.32 28.81
C HIS A 479 36.19 -57.74 29.29
N GLN A 480 35.36 -58.54 28.63
CA GLN A 480 35.27 -59.97 28.90
C GLN A 480 36.63 -60.64 28.67
N GLN A 481 37.27 -60.30 27.55
CA GLN A 481 38.57 -60.86 27.19
C GLN A 481 39.66 -60.51 28.21
N TYR A 482 39.66 -59.26 28.65
CA TYR A 482 40.60 -58.80 29.68
C TYR A 482 40.35 -59.53 30.99
N LYS A 483 39.07 -59.69 31.33
CA LYS A 483 38.66 -60.39 32.54
C LYS A 483 39.22 -61.81 32.55
N GLU A 484 39.01 -62.53 31.45
CA GLU A 484 39.49 -63.91 31.29
C GLU A 484 41.02 -64.02 31.36
N ALA A 485 41.70 -63.00 30.85
CA ALA A 485 43.15 -62.94 30.90
C ALA A 485 43.65 -62.63 32.31
N SER A 486 42.80 -61.97 33.11
CA SER A 486 43.11 -61.66 34.50
C SER A 486 42.81 -62.82 35.45
N GLU A 487 41.92 -63.73 35.03
CA GLU A 487 41.61 -64.93 35.81
C GLU A 487 42.82 -65.86 35.88
N VAL A 488 43.63 -65.87 34.83
CA VAL A 488 44.89 -66.62 34.80
C VAL A 488 45.82 -66.04 35.86
N LYS A 489 45.76 -66.61 37.06
CA LYS A 489 46.51 -66.11 38.22
C LYS A 489 48.02 -66.27 38.02
N PRO A 490 48.82 -65.33 38.58
CA PRO A 490 50.28 -65.42 38.55
C PRO A 490 50.79 -66.65 39.31
N PRO A 491 52.04 -67.08 39.04
CA PRO A 491 52.99 -66.47 38.12
C PRO A 491 52.72 -66.89 36.67
N ARG A 492 52.90 -65.96 35.74
CA ARG A 492 52.64 -66.21 34.33
C ARG A 492 53.83 -65.81 33.47
N ASP A 493 53.99 -66.44 32.31
CA ASP A 493 55.06 -66.06 31.39
C ASP A 493 54.74 -64.70 30.77
N ILE A 494 55.66 -64.19 29.96
CA ILE A 494 55.54 -62.81 29.50
C ILE A 494 54.42 -62.56 28.48
N THR A 495 54.11 -63.55 27.64
CA THR A 495 53.01 -63.43 26.69
C THR A 495 51.66 -63.31 27.39
N ALA A 496 51.48 -64.10 28.46
CA ALA A 496 50.27 -64.05 29.26
C ALA A 496 50.17 -62.73 30.02
N GLU A 497 51.31 -62.19 30.44
CA GLU A 497 51.38 -60.89 31.09
C GLU A 497 51.07 -59.78 30.09
N PHE A 498 51.60 -59.94 28.88
CA PHE A 498 51.36 -59.01 27.78
C PHE A 498 49.89 -58.92 27.45
N LEU A 499 49.23 -60.08 27.37
CA LEU A 499 47.82 -60.17 27.05
C LEU A 499 46.98 -59.31 28.00
N VAL A 500 47.26 -59.40 29.29
CA VAL A 500 46.57 -58.59 30.30
C VAL A 500 46.80 -57.10 30.03
N LYS A 501 48.05 -56.71 29.87
CA LYS A 501 48.44 -55.32 29.62
C LYS A 501 47.90 -54.81 28.28
N SER A 502 48.06 -55.61 27.24
CA SER A 502 47.58 -55.29 25.90
C SER A 502 46.09 -54.99 25.90
N LYS A 503 45.29 -55.91 26.43
CA LYS A 503 43.83 -55.76 26.50
C LYS A 503 43.43 -54.58 27.40
N HIS A 504 44.25 -54.28 28.41
CA HIS A 504 44.02 -53.14 29.29
C HIS A 504 44.15 -51.86 28.51
N ARG A 505 45.21 -51.77 27.72
CA ARG A 505 45.45 -50.61 26.86
C ARG A 505 44.33 -50.45 25.85
N ASP A 506 44.02 -51.54 25.15
CA ASP A 506 42.97 -51.57 24.13
C ASP A 506 41.61 -51.18 24.68
N LEU A 507 41.36 -51.47 25.95
CA LEU A 507 40.06 -51.16 26.55
C LEU A 507 39.92 -49.68 26.88
N THR A 508 40.94 -49.10 27.52
CA THR A 508 40.94 -47.67 27.86
C THR A 508 40.97 -46.79 26.61
N ALA A 509 41.60 -47.30 25.54
CA ALA A 509 41.61 -46.62 24.25
C ALA A 509 40.22 -46.54 23.62
N LEU A 510 39.47 -47.64 23.72
CA LEU A 510 38.09 -47.68 23.23
C LEU A 510 37.14 -46.92 24.15
N CYS A 511 37.52 -46.83 25.43
CA CYS A 511 36.76 -46.03 26.39
C CYS A 511 37.03 -44.54 26.23
N LYS A 512 38.20 -44.22 25.68
CA LYS A 512 38.57 -42.84 25.33
C LYS A 512 37.64 -42.33 24.22
N GLU A 513 37.46 -43.18 23.21
CA GLU A 513 36.61 -42.86 22.05
C GLU A 513 35.15 -42.66 22.43
N TYR A 514 34.62 -43.60 23.21
CA TYR A 514 33.21 -43.58 23.62
C TYR A 514 32.86 -42.33 24.42
N ASP A 515 33.81 -41.88 25.25
CA ASP A 515 33.61 -40.66 26.03
C ASP A 515 33.61 -39.41 25.15
N GLU A 516 34.46 -39.41 24.13
CA GLU A 516 34.51 -38.34 23.14
C GLU A 516 33.30 -38.36 22.22
N LEU A 517 32.67 -39.53 22.09
CA LEU A 517 31.43 -39.70 21.32
C LEU A 517 30.19 -39.32 22.14
N ALA A 518 30.28 -39.49 23.46
CA ALA A 518 29.22 -39.04 24.36
C ALA A 518 29.31 -37.52 24.55
N GLU A 519 30.52 -36.99 24.35
CA GLU A 519 30.76 -35.56 24.31
C GLU A 519 30.01 -34.93 23.13
N THR A 520 30.24 -35.50 21.94
CA THR A 520 29.59 -35.06 20.70
C THR A 520 28.07 -35.22 20.78
N GLN A 521 27.61 -36.29 21.42
CA GLN A 521 26.18 -36.55 21.58
C GLN A 521 25.48 -35.43 22.35
N GLY A 522 26.12 -34.95 23.42
CA GLY A 522 25.60 -33.85 24.22
C GLY A 522 25.46 -32.56 23.44
N LYS A 523 26.46 -32.28 22.59
CA LYS A 523 26.46 -31.11 21.72
C LYS A 523 25.32 -31.15 20.70
N LEU A 524 25.14 -32.31 20.07
CA LEU A 524 24.09 -32.49 19.06
C LEU A 524 22.70 -32.57 19.68
N GLU A 525 22.62 -33.09 20.90
CA GLU A 525 21.34 -33.30 21.58
C GLU A 525 20.72 -31.98 22.05
N GLU A 526 21.56 -31.02 22.39
CA GLU A 526 21.11 -29.70 22.82
C GLU A 526 20.88 -28.78 21.62
N LYS A 527 21.59 -29.05 20.52
CA LYS A 527 21.41 -28.32 19.27
C LYS A 527 20.01 -28.58 18.70
N LEU A 528 19.42 -29.71 19.07
CA LEU A 528 18.06 -30.07 18.67
C LEU A 528 17.00 -29.40 19.52
N GLN A 529 17.31 -29.16 20.80
CA GLN A 529 16.43 -28.40 21.68
C GLN A 529 16.55 -26.90 21.38
N GLU A 530 17.68 -26.51 20.79
CA GLU A 530 17.89 -25.16 20.29
C GLU A 530 16.91 -24.87 19.15
N LEU A 531 16.95 -25.71 18.11
CA LEU A 531 16.14 -25.50 16.91
C LEU A 531 14.65 -25.71 17.16
N GLU A 532 14.30 -26.62 18.07
CA GLU A 532 12.91 -26.88 18.41
C GLU A 532 12.30 -25.82 19.34
N ALA A 533 13.16 -25.04 19.99
CA ALA A 533 12.71 -23.96 20.88
C ALA A 533 12.20 -22.76 20.11
N ASN A 534 12.92 -22.38 19.07
CA ASN A 534 12.54 -21.25 18.21
C ASN A 534 12.24 -21.66 16.77
N PRO A 535 10.98 -22.03 16.49
CA PRO A 535 10.58 -22.27 15.10
C PRO A 535 10.30 -20.93 14.40
N PRO A 536 10.30 -20.91 13.05
CA PRO A 536 9.91 -19.67 12.37
C PRO A 536 8.40 -19.44 12.49
N SER A 537 7.91 -18.37 11.85
CA SER A 537 6.50 -18.02 11.89
C SER A 537 5.61 -19.18 11.44
N ASP A 538 4.53 -19.40 12.18
CA ASP A 538 3.58 -20.47 11.91
C ASP A 538 2.74 -20.18 10.66
N VAL A 539 2.11 -19.01 10.66
CA VAL A 539 1.32 -18.51 9.52
C VAL A 539 1.78 -17.11 9.16
N TYR A 540 1.47 -16.67 7.95
CA TYR A 540 1.70 -15.27 7.57
C TYR A 540 0.65 -14.36 8.23
N LEU A 541 -0.62 -14.70 8.03
CA LEU A 541 -1.72 -14.00 8.67
C LEU A 541 -2.82 -14.98 9.05
N SER A 542 -3.36 -14.83 10.25
CA SER A 542 -4.47 -15.66 10.72
C SER A 542 -5.79 -15.18 10.14
N SER A 543 -6.87 -15.90 10.46
CA SER A 543 -8.23 -15.51 10.05
C SER A 543 -8.64 -14.18 10.66
N ARG A 544 -8.21 -13.95 11.90
CA ARG A 544 -8.48 -12.70 12.60
C ARG A 544 -7.67 -11.58 11.95
N ASP A 545 -6.42 -11.89 11.60
CA ASP A 545 -5.52 -10.94 10.95
C ASP A 545 -6.01 -10.52 9.57
N ARG A 546 -6.38 -11.50 8.75
CA ARG A 546 -6.83 -11.26 7.37
C ARG A 546 -8.11 -10.41 7.31
N GLN A 547 -8.96 -10.53 8.32
CA GLN A 547 -10.18 -9.74 8.41
C GLN A 547 -9.90 -8.27 8.73
N ILE A 548 -8.96 -8.03 9.65
CA ILE A 548 -8.55 -6.67 10.00
C ILE A 548 -7.82 -6.01 8.82
N LEU A 549 -7.08 -6.81 8.06
CA LEU A 549 -6.43 -6.34 6.84
C LEU A 549 -7.46 -5.94 5.79
N ASP A 550 -8.54 -6.72 5.71
CA ASP A 550 -9.63 -6.44 4.78
C ASP A 550 -10.32 -5.11 5.07
N TRP A 551 -10.31 -4.68 6.33
CA TRP A 551 -10.84 -3.37 6.68
C TRP A 551 -9.97 -2.29 6.09
N HIS A 552 -8.66 -2.48 6.17
CA HIS A 552 -7.72 -1.52 5.60
C HIS A 552 -7.83 -1.45 4.11
N PHE A 553 -8.11 -2.59 3.48
CA PHE A 553 -8.39 -2.62 2.04
C PHE A 553 -9.69 -1.92 1.71
N ALA A 554 -10.71 -2.14 2.54
CA ALA A 554 -12.00 -1.48 2.37
C ALA A 554 -11.85 0.03 2.44
N ASN A 555 -11.05 0.48 3.41
CA ASN A 555 -10.75 1.90 3.57
C ASN A 555 -10.11 2.49 2.32
N LEU A 556 -9.18 1.74 1.72
CA LEU A 556 -8.53 2.15 0.47
C LEU A 556 -9.55 2.14 -0.68
N GLU A 557 -10.43 1.14 -0.66
CA GLU A 557 -11.51 1.02 -1.63
C GLU A 557 -12.51 2.15 -1.48
N PHE A 558 -12.61 2.66 -0.26
CA PHE A 558 -13.48 3.80 0.02
C PHE A 558 -12.90 5.10 -0.54
N ALA A 559 -11.63 5.38 -0.25
CA ALA A 559 -10.96 6.59 -0.73
C ALA A 559 -11.00 6.68 -2.26
N ASN A 560 -10.78 5.55 -2.94
CA ASN A 560 -10.80 5.51 -4.39
C ASN A 560 -12.16 5.15 -4.98
N ALA A 561 -13.15 4.99 -4.09
CA ALA A 561 -14.52 4.60 -4.47
C ALA A 561 -14.59 3.49 -5.54
N THR A 562 -13.87 2.39 -5.31
CA THR A 562 -13.83 1.30 -6.27
C THR A 562 -13.10 0.07 -5.72
N PRO A 563 -13.53 -1.14 -6.13
CA PRO A 563 -12.81 -2.37 -5.86
C PRO A 563 -11.36 -2.29 -6.31
N LEU A 564 -10.43 -2.71 -5.45
CA LEU A 564 -9.00 -2.64 -5.75
C LEU A 564 -8.59 -3.40 -7.03
N SER A 565 -9.49 -4.24 -7.54
CA SER A 565 -9.22 -4.99 -8.76
C SER A 565 -9.46 -4.14 -10.01
N THR A 566 -10.02 -2.95 -9.82
CA THR A 566 -10.28 -2.04 -10.94
C THR A 566 -9.18 -0.98 -11.10
N LEU A 567 -8.50 -0.67 -10.00
CA LEU A 567 -7.45 0.36 -9.98
C LEU A 567 -6.21 -0.05 -10.77
N SER A 568 -5.65 0.90 -11.51
CA SER A 568 -4.39 0.69 -12.23
C SER A 568 -3.26 0.53 -11.24
N LEU A 569 -2.44 -0.51 -11.42
CA LEU A 569 -1.28 -0.68 -10.53
C LEU A 569 -0.30 0.48 -10.73
N LYS A 570 0.08 0.71 -11.98
CA LYS A 570 1.07 1.73 -12.31
C LYS A 570 0.64 3.16 -11.93
N HIS A 571 -0.65 3.46 -12.03
CA HIS A 571 -1.11 4.85 -11.99
C HIS A 571 -2.11 5.23 -10.94
N TRP A 572 -2.57 4.27 -10.14
CA TRP A 572 -3.69 4.53 -9.21
C TRP A 572 -3.49 5.69 -8.29
N ASP A 573 -2.23 5.99 -7.98
CA ASP A 573 -1.90 7.09 -7.07
C ASP A 573 -1.07 8.20 -7.74
N GLN A 574 -1.30 8.40 -9.05
CA GLN A 574 -0.54 9.36 -9.85
C GLN A 574 -0.65 10.82 -9.36
N ASP A 575 -1.68 11.12 -8.57
CA ASP A 575 -1.90 12.46 -8.05
C ASP A 575 -1.44 12.63 -6.59
N ASP A 576 -0.53 11.77 -6.15
CA ASP A 576 -0.02 11.81 -4.77
C ASP A 576 0.86 13.01 -4.47
N ASP A 577 1.61 13.46 -5.48
CA ASP A 577 2.57 14.55 -5.31
C ASP A 577 1.91 15.91 -5.10
N PHE A 578 0.63 16.02 -5.42
CA PHE A 578 -0.06 17.30 -5.41
C PHE A 578 -0.99 17.45 -4.21
N GLU A 579 -0.85 16.54 -3.25
CA GLU A 579 -1.61 16.53 -2.00
C GLU A 579 -1.38 17.82 -1.22
N PHE A 580 -2.44 18.37 -0.64
CA PHE A 580 -2.32 19.59 0.16
C PHE A 580 -1.73 19.29 1.55
N THR A 581 -1.26 20.34 2.22
CA THR A 581 -0.72 20.20 3.57
C THR A 581 -1.75 20.64 4.61
N GLY A 582 -1.67 20.05 5.80
CA GLY A 582 -2.58 20.40 6.90
C GLY A 582 -3.61 19.32 7.15
N SER A 583 -4.31 19.45 8.27
CA SER A 583 -5.35 18.52 8.66
C SER A 583 -6.53 18.57 7.72
N HIS A 584 -7.18 17.44 7.52
CA HIS A 584 -8.44 17.38 6.79
C HIS A 584 -9.53 17.94 7.64
N LEU A 585 -10.50 18.61 7.03
CA LEU A 585 -11.57 19.27 7.77
C LEU A 585 -12.93 18.85 7.26
N THR A 586 -13.97 19.07 8.08
CA THR A 586 -15.34 18.81 7.66
C THR A 586 -16.14 20.10 7.66
N VAL A 587 -17.09 20.19 6.74
CA VAL A 587 -17.99 21.33 6.67
C VAL A 587 -19.13 21.05 7.62
N ARG A 588 -19.11 21.72 8.77
CA ARG A 588 -20.03 21.42 9.86
C ARG A 588 -21.45 21.90 9.59
N ASN A 589 -21.57 22.98 8.84
CA ASN A 589 -22.88 23.53 8.46
C ASN A 589 -23.40 23.00 7.12
N GLY A 590 -22.75 21.97 6.59
CA GLY A 590 -23.15 21.35 5.33
C GLY A 590 -22.45 21.98 4.14
N TYR A 591 -21.88 21.14 3.28
CA TYR A 591 -21.07 21.61 2.15
C TYR A 591 -21.88 22.42 1.11
N SER A 592 -23.18 22.17 1.05
CA SER A 592 -24.05 22.85 0.07
C SER A 592 -23.97 24.38 0.17
N CYS A 593 -23.60 24.88 1.34
CA CYS A 593 -23.41 26.31 1.55
C CYS A 593 -22.49 26.94 0.51
N VAL A 594 -21.63 26.12 -0.09
CA VAL A 594 -20.64 26.59 -1.08
C VAL A 594 -21.23 26.76 -2.48
N PRO A 595 -21.76 25.68 -3.08
CA PRO A 595 -22.38 25.85 -4.40
C PRO A 595 -23.55 26.83 -4.39
N VAL A 596 -24.33 26.84 -3.31
CA VAL A 596 -25.43 27.80 -3.17
C VAL A 596 -24.89 29.23 -3.19
N ALA A 597 -23.82 29.47 -2.46
CA ALA A 597 -23.19 30.80 -2.43
C ALA A 597 -22.62 31.20 -3.79
N LEU A 598 -22.10 30.23 -4.54
CA LEU A 598 -21.57 30.46 -5.89
C LEU A 598 -22.70 30.72 -6.88
N ALA A 599 -23.84 30.07 -6.65
CA ALA A 599 -25.01 30.17 -7.54
C ALA A 599 -25.67 31.55 -7.54
N GLU A 600 -25.39 32.35 -6.52
CA GLU A 600 -25.98 33.68 -6.38
C GLU A 600 -25.65 34.56 -7.57
N GLY A 601 -26.68 35.18 -8.14
CA GLY A 601 -26.53 36.11 -9.25
C GLY A 601 -26.16 35.45 -10.57
N LEU A 602 -26.68 34.25 -10.80
CA LEU A 602 -26.40 33.51 -12.03
C LEU A 602 -27.66 32.95 -12.66
N ASP A 603 -27.71 32.96 -13.97
CA ASP A 603 -28.87 32.46 -14.71
C ASP A 603 -28.87 30.94 -14.76
N ILE A 604 -29.58 30.32 -13.81
CA ILE A 604 -29.60 28.86 -13.71
C ILE A 604 -30.98 28.30 -13.98
N LYS A 605 -31.10 27.51 -15.04
CA LYS A 605 -32.35 26.81 -15.35
C LYS A 605 -32.36 25.44 -14.69
N LEU A 606 -33.06 25.34 -13.56
CA LEU A 606 -33.19 24.06 -12.85
C LEU A 606 -34.22 23.17 -13.55
N ASN A 607 -34.24 21.89 -13.21
CA ASN A 607 -35.19 20.93 -13.80
C ASN A 607 -35.13 20.90 -15.33
N THR A 608 -33.93 21.09 -15.87
CA THR A 608 -33.71 21.19 -17.30
C THR A 608 -32.67 20.15 -17.73
N ALA A 609 -33.15 19.07 -18.32
CA ALA A 609 -32.27 17.95 -18.69
C ALA A 609 -31.81 18.04 -20.14
N VAL A 610 -30.54 18.39 -20.34
CA VAL A 610 -29.94 18.39 -21.67
C VAL A 610 -30.07 17.01 -22.32
N ARG A 611 -30.53 16.99 -23.56
CA ARG A 611 -30.76 15.75 -24.29
C ARG A 611 -29.81 15.64 -25.48
N GLN A 612 -29.51 16.79 -26.07
CA GLN A 612 -28.69 16.83 -27.28
C GLN A 612 -27.81 18.07 -27.32
N VAL A 613 -26.57 17.89 -27.76
CA VAL A 613 -25.63 18.99 -27.95
C VAL A 613 -25.21 19.03 -29.41
N ARG A 614 -25.53 20.15 -30.05
CA ARG A 614 -25.22 20.38 -31.46
C ARG A 614 -24.20 21.51 -31.56
N TYR A 615 -23.12 21.23 -32.27
CA TYR A 615 -22.03 22.19 -32.41
C TYR A 615 -21.54 22.21 -33.86
N THR A 616 -21.47 23.42 -34.43
CA THR A 616 -21.06 23.62 -35.82
C THR A 616 -20.14 24.83 -35.92
N ALA A 617 -19.52 24.98 -37.08
CA ALA A 617 -18.57 26.07 -37.34
C ALA A 617 -19.15 27.46 -37.07
N SER A 618 -20.48 27.58 -37.17
CA SER A 618 -21.15 28.87 -36.97
C SER A 618 -21.67 29.08 -35.56
N GLY A 619 -21.71 28.00 -34.77
CA GLY A 619 -22.17 28.09 -33.38
C GLY A 619 -22.80 26.80 -32.87
N CYS A 620 -23.51 26.92 -31.75
CA CYS A 620 -24.04 25.76 -31.04
C CYS A 620 -25.50 25.90 -30.67
N GLU A 621 -26.22 24.78 -30.72
CA GLU A 621 -27.52 24.69 -30.08
C GLU A 621 -27.64 23.49 -29.13
N VAL A 622 -28.12 23.76 -27.93
CA VAL A 622 -28.33 22.75 -26.90
C VAL A 622 -29.83 22.51 -26.72
N ILE A 623 -30.23 21.25 -26.90
CA ILE A 623 -31.63 20.86 -26.76
C ILE A 623 -31.87 20.15 -25.43
N ALA A 624 -32.71 20.77 -24.59
CA ALA A 624 -33.03 20.25 -23.27
C ALA A 624 -34.55 20.12 -23.09
N VAL A 625 -34.96 19.32 -22.10
CA VAL A 625 -36.37 19.18 -21.75
C VAL A 625 -36.61 19.49 -20.28
N ASN A 626 -37.88 19.67 -19.91
CA ASN A 626 -38.29 19.82 -18.52
C ASN A 626 -38.40 18.44 -17.87
N THR A 627 -37.74 18.27 -16.72
CA THR A 627 -37.70 16.96 -16.05
C THR A 627 -39.07 16.53 -15.52
N ARG A 628 -39.93 17.50 -15.22
CA ARG A 628 -41.27 17.25 -14.70
C ARG A 628 -42.23 16.76 -15.79
N SER A 629 -42.37 17.54 -16.86
CA SER A 629 -43.08 17.07 -18.06
C SER A 629 -42.11 17.02 -19.25
N THR A 630 -41.66 15.81 -19.58
CA THR A 630 -40.53 15.61 -20.50
C THR A 630 -40.78 16.00 -21.97
N SER A 631 -42.03 16.21 -22.33
CA SER A 631 -42.38 16.55 -23.72
C SER A 631 -42.18 18.04 -24.02
N GLN A 632 -42.11 18.87 -22.97
CA GLN A 632 -41.84 20.30 -23.12
C GLN A 632 -40.35 20.54 -23.43
N THR A 633 -40.08 21.02 -24.64
CA THR A 633 -38.72 21.11 -25.17
C THR A 633 -38.18 22.54 -25.22
N PHE A 634 -36.87 22.67 -24.96
CA PHE A 634 -36.18 23.95 -25.02
C PHE A 634 -34.98 23.89 -25.98
N ILE A 635 -34.72 25.01 -26.65
CA ILE A 635 -33.56 25.14 -27.52
C ILE A 635 -32.73 26.33 -27.06
N TYR A 636 -31.42 26.10 -26.94
CA TYR A 636 -30.51 27.16 -26.53
C TYR A 636 -29.43 27.37 -27.59
N LYS A 637 -29.32 28.61 -28.05
CA LYS A 637 -28.35 28.97 -29.08
C LYS A 637 -27.19 29.69 -28.41
N CYS A 638 -25.96 29.28 -28.72
CA CYS A 638 -24.78 29.86 -28.08
C CYS A 638 -23.53 29.76 -28.94
N ASP A 639 -22.56 30.61 -28.64
CA ASP A 639 -21.25 30.58 -29.28
C ASP A 639 -20.43 29.38 -28.81
N ALA A 640 -20.60 29.01 -27.55
CA ALA A 640 -19.84 27.93 -26.92
C ALA A 640 -20.66 27.14 -25.90
N VAL A 641 -20.34 25.85 -25.78
CA VAL A 641 -20.91 24.98 -24.75
C VAL A 641 -19.81 24.49 -23.81
N LEU A 642 -20.03 24.66 -22.50
CA LEU A 642 -19.18 24.04 -21.49
C LEU A 642 -19.90 22.86 -20.89
N CYS A 643 -19.43 21.66 -21.24
CA CYS A 643 -19.97 20.40 -20.74
C CYS A 643 -19.33 20.00 -19.41
N THR A 644 -20.11 19.99 -18.33
CA THR A 644 -19.60 19.52 -17.03
C THR A 644 -20.35 18.25 -16.56
N LEU A 645 -20.95 17.53 -17.51
CA LEU A 645 -21.59 16.25 -17.24
C LEU A 645 -20.60 15.32 -16.55
N PRO A 646 -21.04 14.60 -15.51
CA PRO A 646 -20.18 13.63 -14.85
C PRO A 646 -19.73 12.54 -15.80
N LEU A 647 -18.61 11.90 -15.48
CA LEU A 647 -18.06 10.84 -16.33
C LEU A 647 -19.02 9.68 -16.44
N GLY A 648 -19.77 9.43 -15.37
CA GLY A 648 -20.79 8.39 -15.35
C GLY A 648 -21.86 8.64 -16.39
N VAL A 649 -22.31 9.89 -16.45
CA VAL A 649 -23.28 10.32 -17.45
C VAL A 649 -22.69 10.15 -18.86
N LEU A 650 -21.49 10.68 -19.08
CA LEU A 650 -20.83 10.59 -20.38
C LEU A 650 -20.64 9.16 -20.83
N LYS A 651 -20.64 8.24 -19.87
CA LYS A 651 -20.42 6.81 -20.12
C LYS A 651 -21.68 6.07 -20.56
N GLN A 652 -22.86 6.62 -20.24
CA GLN A 652 -24.14 5.93 -20.44
C GLN A 652 -24.26 5.25 -21.80
N GLN A 653 -24.76 4.01 -21.77
CA GLN A 653 -25.06 3.27 -22.98
C GLN A 653 -26.39 2.52 -22.81
N PRO A 654 -27.42 2.93 -23.59
CA PRO A 654 -27.40 4.02 -24.58
C PRO A 654 -27.31 5.42 -23.96
N PRO A 655 -26.75 6.39 -24.70
CA PRO A 655 -26.47 7.75 -24.22
C PRO A 655 -27.67 8.48 -23.63
N ALA A 656 -27.44 9.27 -22.59
CA ALA A 656 -28.46 10.16 -22.05
C ALA A 656 -28.37 11.52 -22.73
N VAL A 657 -27.19 11.84 -23.22
CA VAL A 657 -26.95 13.05 -24.00
C VAL A 657 -26.30 12.67 -25.32
N GLN A 658 -26.91 13.08 -26.42
CA GLN A 658 -26.39 12.83 -27.75
C GLN A 658 -25.60 14.04 -28.24
N PHE A 659 -24.45 13.77 -28.85
CA PHE A 659 -23.63 14.81 -29.46
C PHE A 659 -23.74 14.77 -30.98
N VAL A 660 -24.04 15.93 -31.57
CA VAL A 660 -24.14 16.05 -33.02
C VAL A 660 -23.20 17.16 -33.51
N PRO A 661 -22.14 16.79 -34.25
CA PRO A 661 -21.78 15.42 -34.63
C PRO A 661 -21.24 14.61 -33.43
N PRO A 662 -21.11 13.27 -33.59
CA PRO A 662 -20.64 12.47 -32.46
C PRO A 662 -19.24 12.89 -32.02
N LEU A 663 -18.96 12.80 -30.73
CA LEU A 663 -17.63 13.05 -30.19
C LEU A 663 -16.62 12.14 -30.89
N PRO A 664 -15.40 12.64 -31.15
CA PRO A 664 -14.38 11.86 -31.84
C PRO A 664 -13.91 10.66 -31.04
N GLU A 665 -13.45 9.64 -31.76
CA GLU A 665 -12.95 8.39 -31.19
C GLU A 665 -11.95 8.58 -30.04
N TRP A 666 -11.08 9.57 -30.15
CA TRP A 666 -10.10 9.84 -29.09
C TRP A 666 -10.71 10.31 -27.81
N LYS A 667 -11.86 10.98 -27.91
CA LYS A 667 -12.57 11.43 -26.72
C LYS A 667 -13.35 10.28 -26.08
N THR A 668 -14.06 9.51 -26.90
CA THR A 668 -14.95 8.45 -26.40
C THR A 668 -14.15 7.29 -25.80
N SER A 669 -12.99 7.02 -26.39
CA SER A 669 -12.06 6.00 -25.88
C SER A 669 -11.54 6.34 -24.50
N ALA A 670 -11.24 7.63 -24.27
CA ALA A 670 -10.86 8.11 -22.96
C ALA A 670 -12.00 7.94 -21.97
N VAL A 671 -13.23 8.19 -22.42
CA VAL A 671 -14.42 8.05 -21.57
C VAL A 671 -14.59 6.59 -21.12
N GLN A 672 -14.42 5.66 -22.05
CA GLN A 672 -14.51 4.23 -21.72
C GLN A 672 -13.39 3.77 -20.79
N ARG A 673 -12.15 4.13 -21.13
CA ARG A 673 -10.97 3.73 -20.37
C ARG A 673 -10.99 4.19 -18.91
N MET A 674 -11.33 5.45 -18.70
CA MET A 674 -11.39 6.02 -17.35
C MET A 674 -12.38 5.28 -16.47
N GLY A 675 -12.05 5.15 -15.19
CA GLY A 675 -12.94 4.49 -14.26
C GLY A 675 -13.83 5.50 -13.57
N PHE A 676 -15.11 5.13 -13.41
CA PHE A 676 -16.02 5.94 -12.62
C PHE A 676 -16.58 5.13 -11.46
N GLY A 677 -16.05 5.38 -10.28
CA GLY A 677 -16.37 4.58 -9.10
C GLY A 677 -17.66 4.92 -8.38
N ASN A 678 -17.79 4.35 -7.18
CA ASN A 678 -19.01 4.42 -6.41
C ASN A 678 -18.72 4.20 -4.92
N LEU A 679 -19.32 5.04 -4.08
CA LEU A 679 -19.33 4.85 -2.64
C LEU A 679 -20.58 5.50 -2.08
N ASN A 680 -21.16 4.89 -1.04
CA ASN A 680 -22.42 5.39 -0.50
C ASN A 680 -22.40 5.72 1.00
N LYS A 681 -23.38 6.51 1.43
CA LYS A 681 -23.46 6.96 2.82
C LYS A 681 -24.82 6.66 3.44
N VAL A 682 -24.80 6.34 4.73
CA VAL A 682 -26.03 6.14 5.50
C VAL A 682 -26.08 7.13 6.66
N VAL A 683 -27.08 8.01 6.64
CA VAL A 683 -27.21 9.04 7.67
C VAL A 683 -28.14 8.54 8.78
N LEU A 684 -27.62 8.49 10.00
CA LEU A 684 -28.38 8.03 11.16
C LEU A 684 -28.52 9.16 12.18
N CYS A 685 -29.76 9.60 12.39
CA CYS A 685 -30.06 10.70 13.30
C CYS A 685 -30.73 10.20 14.58
N PHE A 686 -30.09 10.49 15.71
CA PHE A 686 -30.59 10.04 17.02
C PHE A 686 -30.97 11.20 17.92
N ASP A 687 -31.61 10.89 19.04
CA ASP A 687 -31.95 11.87 20.05
C ASP A 687 -30.82 12.11 21.05
N ARG A 688 -29.86 11.18 21.09
CA ARG A 688 -28.77 11.23 22.08
C ARG A 688 -27.46 10.59 21.61
N VAL A 689 -26.36 11.16 22.06
CA VAL A 689 -25.02 10.62 21.82
C VAL A 689 -24.81 9.39 22.70
N PHE A 690 -24.50 8.25 22.08
CA PHE A 690 -24.18 7.03 22.82
C PHE A 690 -22.79 6.50 22.50
N TRP A 691 -22.07 7.24 21.67
CA TRP A 691 -20.70 6.90 21.28
C TRP A 691 -19.73 7.81 21.96
N ASP A 692 -18.44 7.53 21.80
CA ASP A 692 -17.39 8.37 22.34
C ASP A 692 -17.36 9.70 21.58
N PRO A 693 -17.74 10.80 22.26
CA PRO A 693 -17.85 12.12 21.64
C PRO A 693 -16.52 12.70 21.16
N SER A 694 -15.42 12.22 21.72
CA SER A 694 -14.09 12.69 21.34
C SER A 694 -13.48 11.84 20.23
N VAL A 695 -14.26 10.89 19.72
CA VAL A 695 -13.85 10.03 18.62
C VAL A 695 -14.63 10.40 17.35
N ASN A 696 -13.91 10.88 16.34
CA ASN A 696 -14.52 11.31 15.08
C ASN A 696 -14.94 10.16 14.17
N LEU A 697 -14.13 9.12 14.12
CA LEU A 697 -14.42 7.96 13.28
C LEU A 697 -14.03 6.65 13.94
N PHE A 698 -14.83 5.62 13.74
CA PHE A 698 -14.51 4.28 14.22
C PHE A 698 -14.91 3.20 13.22
N GLY A 699 -14.06 2.19 13.10
CA GLY A 699 -14.27 1.13 12.12
C GLY A 699 -15.03 -0.07 12.65
N HIS A 700 -15.71 -0.76 11.75
CA HIS A 700 -16.31 -2.06 12.02
C HIS A 700 -15.73 -3.04 11.06
N VAL A 701 -15.13 -4.10 11.60
CA VAL A 701 -14.47 -5.12 10.78
C VAL A 701 -15.49 -6.15 10.32
N GLY A 702 -15.50 -6.43 9.02
CA GLY A 702 -16.46 -7.37 8.43
C GLY A 702 -16.12 -8.81 8.74
N SER A 703 -16.97 -9.73 8.25
CA SER A 703 -16.78 -11.16 8.45
C SER A 703 -16.00 -11.79 7.31
N THR A 704 -16.22 -11.30 6.10
CA THR A 704 -15.61 -11.87 4.90
C THR A 704 -14.89 -10.80 4.09
N THR A 705 -14.07 -11.23 3.15
CA THR A 705 -13.49 -10.34 2.15
C THR A 705 -14.62 -9.72 1.33
N ALA A 706 -15.54 -10.56 0.87
CA ALA A 706 -16.68 -10.15 0.05
C ALA A 706 -17.46 -8.97 0.61
N SER A 707 -17.57 -8.87 1.93
CA SER A 707 -18.37 -7.83 2.55
C SER A 707 -17.54 -6.83 3.36
N ARG A 708 -16.27 -6.67 2.99
CA ARG A 708 -15.38 -5.78 3.74
C ARG A 708 -15.81 -4.31 3.68
N GLY A 709 -16.38 -3.92 2.56
CA GLY A 709 -16.86 -2.53 2.37
C GLY A 709 -18.16 -2.22 3.08
N GLU A 710 -18.92 -3.26 3.41
CA GLU A 710 -20.25 -3.11 3.99
C GLU A 710 -20.24 -2.46 5.38
N LEU A 711 -20.67 -1.21 5.43
CA LEU A 711 -20.82 -0.46 6.68
C LEU A 711 -19.56 -0.54 7.57
N PHE A 712 -18.41 -0.39 6.94
CA PHE A 712 -17.11 -0.63 7.57
C PHE A 712 -16.63 0.55 8.42
N LEU A 713 -17.23 1.73 8.23
CA LEU A 713 -16.77 2.93 8.92
C LEU A 713 -17.93 3.82 9.36
N PHE A 714 -17.74 4.53 10.47
CA PHE A 714 -18.77 5.41 11.04
C PHE A 714 -18.18 6.77 11.42
N TRP A 715 -18.87 7.85 11.05
CA TRP A 715 -18.40 9.21 11.32
C TRP A 715 -19.22 9.91 12.36
N ASN A 716 -18.51 10.51 13.32
CA ASN A 716 -19.10 11.42 14.30
C ASN A 716 -18.48 12.80 14.07
N LEU A 717 -19.18 13.65 13.34
CA LEU A 717 -18.62 14.92 12.88
C LEU A 717 -19.46 16.15 13.20
N TYR A 718 -20.76 15.95 13.39
CA TYR A 718 -21.70 17.06 13.46
C TYR A 718 -22.09 17.47 14.89
N LYS A 719 -22.57 18.70 15.03
CA LYS A 719 -23.04 19.24 16.31
C LYS A 719 -24.15 18.37 16.88
N ALA A 720 -25.15 18.09 16.04
CA ALA A 720 -26.26 17.21 16.39
C ALA A 720 -25.78 15.75 16.54
N PRO A 721 -26.55 14.92 17.27
CA PRO A 721 -26.22 13.50 17.37
C PRO A 721 -26.49 12.74 16.07
N ILE A 722 -25.53 12.79 15.15
CA ILE A 722 -25.62 12.10 13.87
C ILE A 722 -24.43 11.15 13.69
N LEU A 723 -24.73 9.90 13.33
CA LEU A 723 -23.69 8.97 12.91
C LEU A 723 -23.81 8.63 11.44
N LEU A 724 -22.67 8.62 10.76
CA LEU A 724 -22.64 8.48 9.31
C LEU A 724 -21.92 7.19 8.91
N ALA A 725 -22.63 6.29 8.24
CA ALA A 725 -22.11 4.97 7.90
C ALA A 725 -21.73 4.82 6.43
N LEU A 726 -20.51 4.35 6.19
CA LEU A 726 -19.95 4.24 4.84
C LEU A 726 -20.11 2.86 4.22
N VAL A 727 -20.51 2.81 2.95
CA VAL A 727 -20.54 1.57 2.19
C VAL A 727 -19.58 1.66 1.01
N ALA A 728 -18.55 0.82 1.01
CA ALA A 728 -17.46 0.94 0.05
C ALA A 728 -17.23 -0.32 -0.78
N GLY A 729 -16.24 -0.29 -1.66
CA GLY A 729 -15.83 -1.43 -2.47
C GLY A 729 -16.97 -2.11 -3.21
N GLU A 730 -16.88 -3.43 -3.34
CA GLU A 730 -17.91 -4.21 -4.03
C GLU A 730 -19.28 -4.11 -3.35
N ALA A 731 -19.29 -3.79 -2.06
CA ALA A 731 -20.52 -3.67 -1.29
C ALA A 731 -21.42 -2.54 -1.79
N ALA A 732 -20.80 -1.40 -2.12
CA ALA A 732 -21.52 -0.20 -2.56
C ALA A 732 -22.55 -0.49 -3.65
N GLY A 733 -22.09 -1.14 -4.72
CA GLY A 733 -22.95 -1.49 -5.85
C GLY A 733 -24.11 -2.41 -5.49
N ILE A 734 -23.86 -3.31 -4.54
CA ILE A 734 -24.85 -4.31 -4.14
C ILE A 734 -25.87 -3.73 -3.15
N MET A 735 -25.40 -2.93 -2.19
CA MET A 735 -26.25 -2.38 -1.15
C MET A 735 -27.32 -1.42 -1.69
N GLU A 736 -27.17 -1.01 -2.94
CA GLU A 736 -28.13 -0.11 -3.59
C GLU A 736 -29.44 -0.83 -3.96
N ASN A 737 -29.37 -2.16 -4.07
CA ASN A 737 -30.53 -3.01 -4.33
C ASN A 737 -31.29 -3.42 -3.08
N ILE A 738 -30.80 -2.98 -1.93
CA ILE A 738 -31.39 -3.32 -0.65
C ILE A 738 -32.10 -2.08 -0.10
N SER A 739 -33.28 -2.28 0.47
CA SER A 739 -34.09 -1.20 1.02
C SER A 739 -33.44 -0.54 2.24
N ASP A 740 -33.90 0.67 2.56
CA ASP A 740 -33.33 1.46 3.65
C ASP A 740 -33.45 0.80 5.02
N ASP A 741 -34.59 0.17 5.27
CA ASP A 741 -34.86 -0.49 6.56
C ASP A 741 -33.86 -1.61 6.84
N VAL A 742 -33.60 -2.43 5.82
CA VAL A 742 -32.63 -3.52 5.93
C VAL A 742 -31.22 -2.97 6.14
N ILE A 743 -30.91 -1.84 5.49
CA ILE A 743 -29.60 -1.19 5.64
C ILE A 743 -29.45 -0.59 7.05
N VAL A 744 -30.47 0.13 7.50
CA VAL A 744 -30.48 0.71 8.84
C VAL A 744 -30.49 -0.39 9.91
N GLY A 745 -31.17 -1.50 9.60
CA GLY A 745 -31.17 -2.68 10.45
C GLY A 745 -29.76 -3.15 10.74
N ARG A 746 -29.00 -3.41 9.68
CA ARG A 746 -27.61 -3.85 9.78
C ARG A 746 -26.73 -2.80 10.48
N CYS A 747 -27.09 -1.53 10.34
CA CYS A 747 -26.38 -0.44 11.00
C CYS A 747 -26.55 -0.50 12.52
N LEU A 748 -27.80 -0.66 12.96
CA LEU A 748 -28.12 -0.74 14.38
C LEU A 748 -27.51 -2.01 14.99
N ALA A 749 -27.64 -3.13 14.29
CA ALA A 749 -27.02 -4.39 14.69
C ALA A 749 -25.55 -4.19 15.06
N ILE A 750 -24.78 -3.62 14.13
CA ILE A 750 -23.36 -3.35 14.34
C ILE A 750 -23.12 -2.46 15.57
N LEU A 751 -23.86 -1.36 15.65
CA LEU A 751 -23.72 -0.39 16.74
C LEU A 751 -24.06 -0.98 18.11
N LYS A 752 -25.05 -1.89 18.13
CA LYS A 752 -25.42 -2.62 19.35
C LYS A 752 -24.24 -3.46 19.84
N GLY A 753 -23.61 -4.19 18.92
CA GLY A 753 -22.45 -5.00 19.22
C GLY A 753 -21.32 -4.23 19.87
N ILE A 754 -21.16 -2.98 19.49
CA ILE A 754 -20.05 -2.15 19.97
C ILE A 754 -20.38 -1.39 21.26
N PHE A 755 -21.59 -0.84 21.35
CA PHE A 755 -21.95 0.07 22.45
C PHE A 755 -22.95 -0.50 23.47
N GLY A 756 -23.46 -1.69 23.19
CA GLY A 756 -24.46 -2.32 24.06
C GLY A 756 -25.82 -2.33 23.41
N SER A 757 -26.52 -3.45 23.54
CA SER A 757 -27.81 -3.68 22.85
C SER A 757 -28.96 -2.78 23.33
N SER A 758 -28.78 -2.10 24.45
CA SER A 758 -29.81 -1.21 24.98
C SER A 758 -29.39 0.27 24.97
N ALA A 759 -28.11 0.51 24.67
CA ALA A 759 -27.59 1.88 24.58
C ALA A 759 -27.85 2.50 23.21
N VAL A 760 -28.23 1.68 22.24
CA VAL A 760 -28.48 2.12 20.87
C VAL A 760 -29.99 2.22 20.59
N PRO A 761 -30.55 3.45 20.61
CA PRO A 761 -31.98 3.65 20.39
C PRO A 761 -32.36 3.55 18.92
N GLN A 762 -33.66 3.60 18.64
CA GLN A 762 -34.15 3.66 17.26
C GLN A 762 -33.89 5.06 16.67
N PRO A 763 -33.41 5.11 15.40
CA PRO A 763 -33.09 6.38 14.76
C PRO A 763 -34.32 7.20 14.38
N LYS A 764 -34.29 8.50 14.68
CA LYS A 764 -35.40 9.40 14.39
C LYS A 764 -35.52 9.72 12.89
N GLU A 765 -34.39 9.94 12.23
CA GLU A 765 -34.34 10.21 10.79
C GLU A 765 -33.21 9.42 10.12
N THR A 766 -33.50 8.81 8.96
CA THR A 766 -32.50 8.06 8.19
C THR A 766 -32.53 8.35 6.70
N VAL A 767 -31.34 8.50 6.10
CA VAL A 767 -31.20 8.64 4.64
C VAL A 767 -30.09 7.73 4.12
N VAL A 768 -30.33 7.14 2.95
CA VAL A 768 -29.35 6.29 2.26
C VAL A 768 -29.10 6.83 0.85
N SER A 769 -27.83 7.07 0.52
CA SER A 769 -27.46 7.51 -0.83
C SER A 769 -27.38 6.33 -1.80
N ARG A 770 -27.70 6.59 -3.07
CA ARG A 770 -27.53 5.61 -4.14
C ARG A 770 -26.95 6.25 -5.40
N TRP A 771 -25.66 6.58 -5.33
CA TRP A 771 -24.98 7.35 -6.37
C TRP A 771 -24.89 6.71 -7.73
N ARG A 772 -24.75 5.39 -7.76
CA ARG A 772 -24.71 4.68 -9.05
C ARG A 772 -26.09 4.71 -9.73
N ALA A 773 -27.14 4.62 -8.92
CA ALA A 773 -28.52 4.65 -9.40
C ALA A 773 -28.92 6.04 -9.91
N ASP A 774 -28.41 7.07 -9.25
CA ASP A 774 -28.68 8.47 -9.61
C ASP A 774 -28.41 8.71 -11.10
N PRO A 775 -29.44 9.08 -11.88
CA PRO A 775 -29.27 9.30 -13.32
C PRO A 775 -28.41 10.53 -13.68
N TRP A 776 -28.28 11.47 -12.76
CA TRP A 776 -27.46 12.69 -12.98
C TRP A 776 -26.06 12.57 -12.42
N ALA A 777 -25.68 11.33 -12.09
CA ALA A 777 -24.35 11.04 -11.58
C ALA A 777 -23.84 9.75 -12.19
N ARG A 778 -24.60 8.67 -12.00
CA ARG A 778 -24.24 7.32 -12.48
C ARG A 778 -22.93 6.83 -11.84
N GLY A 779 -22.71 7.23 -10.59
CA GLY A 779 -21.49 6.92 -9.84
C GLY A 779 -21.12 8.05 -8.90
N SER A 780 -19.98 7.92 -8.21
CA SER A 780 -19.58 8.91 -7.21
C SER A 780 -18.46 9.84 -7.68
N TYR A 781 -17.36 9.26 -8.15
CA TYR A 781 -16.25 10.03 -8.76
C TYR A 781 -15.27 9.11 -9.48
N SER A 782 -14.43 9.71 -10.31
CA SER A 782 -13.55 8.94 -11.19
C SER A 782 -12.34 8.37 -10.46
N TYR A 783 -11.79 7.30 -11.03
CA TYR A 783 -10.57 6.67 -10.54
C TYR A 783 -9.73 6.22 -11.73
N VAL A 784 -8.43 6.05 -11.51
CA VAL A 784 -7.55 5.62 -12.60
C VAL A 784 -7.67 4.11 -12.79
N ALA A 785 -8.54 3.71 -13.71
CA ALA A 785 -8.78 2.30 -13.98
C ALA A 785 -7.55 1.63 -14.57
N ALA A 786 -7.44 0.31 -14.36
CA ALA A 786 -6.41 -0.47 -15.02
C ALA A 786 -6.61 -0.38 -16.52
N GLY A 787 -5.56 0.05 -17.23
CA GLY A 787 -5.63 0.27 -18.67
C GLY A 787 -5.77 1.74 -19.03
N SER A 788 -6.04 2.56 -18.03
CA SER A 788 -6.09 4.01 -18.19
C SER A 788 -4.80 4.62 -17.65
N SER A 789 -4.71 5.95 -17.69
CA SER A 789 -3.59 6.70 -17.12
C SER A 789 -4.01 8.14 -16.89
N GLY A 790 -3.10 8.93 -16.33
CA GLY A 790 -3.38 10.34 -16.07
C GLY A 790 -3.53 11.15 -17.35
N ASN A 791 -3.03 10.61 -18.45
CA ASN A 791 -3.14 11.26 -19.75
C ASN A 791 -4.59 11.32 -20.23
N ASP A 792 -5.40 10.34 -19.84
CA ASP A 792 -6.82 10.30 -20.17
C ASP A 792 -7.58 11.49 -19.60
N TYR A 793 -7.17 11.95 -18.42
CA TYR A 793 -7.73 13.16 -17.83
C TYR A 793 -7.48 14.39 -18.70
N ASP A 794 -6.31 14.44 -19.34
CA ASP A 794 -5.97 15.52 -20.26
C ASP A 794 -6.83 15.46 -21.51
N LEU A 795 -6.95 14.26 -22.08
CA LEU A 795 -7.83 14.04 -23.22
C LEU A 795 -9.27 14.48 -22.90
N MET A 796 -9.74 14.16 -21.70
CA MET A 796 -11.07 14.60 -21.28
C MET A 796 -11.22 16.11 -21.34
N ALA A 797 -10.17 16.83 -20.97
CA ALA A 797 -10.21 18.30 -20.90
C ALA A 797 -10.11 19.00 -22.25
N GLN A 798 -9.58 18.31 -23.25
CA GLN A 798 -9.39 18.86 -24.59
C GLN A 798 -10.71 19.27 -25.23
N PRO A 799 -10.82 20.54 -25.68
CA PRO A 799 -12.02 21.03 -26.37
C PRO A 799 -12.21 20.38 -27.74
N ILE A 800 -13.44 20.46 -28.26
CA ILE A 800 -13.75 19.93 -29.59
C ILE A 800 -13.98 21.05 -30.60
N THR A 801 -13.37 20.90 -31.77
CA THR A 801 -13.52 21.86 -32.87
C THR A 801 -14.27 21.20 -34.02
N PRO A 802 -15.43 21.77 -34.40
CA PRO A 802 -16.24 21.22 -35.49
C PRO A 802 -15.55 21.35 -36.85
N GLY A 803 -15.98 20.55 -37.82
CA GLY A 803 -15.53 20.70 -39.20
C GLY A 803 -16.09 21.99 -39.80
N PRO A 804 -15.53 22.43 -40.94
CA PRO A 804 -16.07 23.65 -41.55
C PRO A 804 -17.44 23.39 -42.20
N SER A 805 -18.30 24.41 -42.20
CA SER A 805 -19.62 24.32 -42.83
C SER A 805 -19.48 24.18 -44.34
N ILE A 806 -18.97 25.24 -44.98
CA ILE A 806 -18.61 25.21 -46.40
C ILE A 806 -17.25 24.52 -46.51
N PRO A 807 -17.14 23.48 -47.36
CA PRO A 807 -15.82 22.85 -47.56
C PRO A 807 -14.82 23.85 -48.15
N GLY A 808 -13.60 23.83 -47.63
CA GLY A 808 -12.56 24.77 -48.05
C GLY A 808 -12.57 26.09 -47.27
N ALA A 809 -13.49 26.23 -46.33
CA ALA A 809 -13.52 27.38 -45.44
C ALA A 809 -12.48 27.22 -44.33
N PRO A 810 -11.96 28.33 -43.80
CA PRO A 810 -10.86 28.28 -42.81
C PRO A 810 -11.20 27.48 -41.55
N GLN A 811 -10.16 27.00 -40.88
CA GLN A 811 -10.27 26.25 -39.62
C GLN A 811 -11.15 26.97 -38.60
N PRO A 812 -12.24 26.32 -38.17
CA PRO A 812 -13.18 26.93 -37.22
C PRO A 812 -12.61 27.09 -35.81
N ILE A 813 -13.29 27.92 -35.03
CA ILE A 813 -13.06 28.09 -33.60
C ILE A 813 -13.49 26.81 -32.86
N PRO A 814 -12.78 26.45 -31.77
CA PRO A 814 -13.30 25.40 -30.87
C PRO A 814 -14.63 25.81 -30.22
N ARG A 815 -15.58 24.88 -30.20
CA ARG A 815 -16.96 25.18 -29.77
C ARG A 815 -17.41 24.45 -28.51
N LEU A 816 -16.93 23.22 -28.33
CA LEU A 816 -17.34 22.35 -27.21
C LEU A 816 -16.22 22.14 -26.20
N PHE A 817 -16.43 22.64 -24.98
CA PHE A 817 -15.42 22.60 -23.92
C PHE A 817 -15.86 21.70 -22.75
N PHE A 818 -14.88 21.14 -22.04
CA PHE A 818 -15.17 20.19 -20.95
C PHE A 818 -14.50 20.55 -19.63
N ALA A 819 -15.31 20.68 -18.58
CA ALA A 819 -14.79 20.85 -17.24
C ALA A 819 -15.36 19.76 -16.34
N GLY A 820 -14.90 19.75 -15.09
CA GLY A 820 -15.39 18.77 -14.14
C GLY A 820 -14.31 17.87 -13.57
N GLU A 821 -14.57 17.43 -12.34
CA GLU A 821 -13.76 16.47 -11.59
C GLU A 821 -12.89 15.53 -12.45
N HIS A 822 -13.47 14.97 -13.51
CA HIS A 822 -12.82 13.97 -14.35
C HIS A 822 -11.93 14.55 -15.43
N THR A 823 -11.71 15.87 -15.39
CA THR A 823 -10.94 16.55 -16.44
C THR A 823 -9.61 17.14 -15.95
N ILE A 824 -9.44 17.16 -14.64
CA ILE A 824 -8.25 17.77 -14.03
C ILE A 824 -7.26 16.72 -13.50
N ARG A 825 -6.23 16.47 -14.31
CA ARG A 825 -5.22 15.42 -14.07
C ARG A 825 -4.60 15.42 -12.67
N ASN A 826 -4.28 16.60 -12.15
CA ASN A 826 -3.58 16.70 -10.87
C ASN A 826 -4.47 16.76 -9.63
N TYR A 827 -5.77 16.95 -9.82
CA TYR A 827 -6.71 17.02 -8.69
C TYR A 827 -8.04 16.34 -8.97
N PRO A 828 -8.01 15.12 -9.57
CA PRO A 828 -9.28 14.49 -9.91
C PRO A 828 -10.06 14.06 -8.67
N ALA A 829 -11.34 13.70 -8.90
CA ALA A 829 -12.21 13.14 -7.88
C ALA A 829 -12.38 14.01 -6.63
N THR A 830 -12.30 15.32 -6.79
CA THR A 830 -12.40 16.25 -5.65
C THR A 830 -13.26 17.47 -5.95
N VAL A 831 -13.55 18.27 -4.92
CA VAL A 831 -14.27 19.53 -5.10
C VAL A 831 -13.33 20.60 -5.63
N HIS A 832 -12.17 20.75 -4.99
CA HIS A 832 -11.18 21.72 -5.45
C HIS A 832 -10.75 21.45 -6.87
N GLY A 833 -10.72 20.17 -7.25
CA GLY A 833 -10.40 19.79 -8.62
C GLY A 833 -11.45 20.25 -9.59
N ALA A 834 -12.71 20.03 -9.24
CA ALA A 834 -13.83 20.50 -10.04
C ALA A 834 -13.78 22.02 -10.16
N LEU A 835 -13.75 22.70 -9.01
CA LEU A 835 -13.59 24.15 -8.91
C LEU A 835 -12.50 24.65 -9.86
N LEU A 836 -11.32 24.05 -9.78
CA LEU A 836 -10.19 24.47 -10.61
C LEU A 836 -10.40 24.23 -12.10
N SER A 837 -11.10 23.15 -12.46
CA SER A 837 -11.35 22.83 -13.87
C SER A 837 -12.31 23.85 -14.49
N GLY A 838 -13.27 24.31 -13.69
CA GLY A 838 -14.15 25.39 -14.08
C GLY A 838 -13.35 26.64 -14.37
N LEU A 839 -12.55 27.07 -13.40
CA LEU A 839 -11.69 28.24 -13.58
C LEU A 839 -10.84 28.13 -14.84
N ARG A 840 -10.30 26.93 -15.08
CA ARG A 840 -9.47 26.66 -16.25
C ARG A 840 -10.21 26.94 -17.55
N GLU A 841 -11.39 26.34 -17.71
CA GLU A 841 -12.16 26.48 -18.95
C GLU A 841 -12.66 27.90 -19.17
N ALA A 842 -13.13 28.54 -18.10
CA ALA A 842 -13.56 29.94 -18.18
C ALA A 842 -12.45 30.83 -18.71
N GLY A 843 -11.23 30.55 -18.29
CA GLY A 843 -10.06 31.25 -18.82
C GLY A 843 -9.85 30.96 -20.29
N ARG A 844 -9.91 29.68 -20.65
CA ARG A 844 -9.68 29.26 -22.03
C ARG A 844 -10.76 29.79 -22.99
N ILE A 845 -12.00 29.79 -22.52
CA ILE A 845 -13.14 30.25 -23.32
C ILE A 845 -13.07 31.76 -23.54
N ALA A 846 -12.79 32.51 -22.47
CA ALA A 846 -12.65 33.96 -22.56
C ALA A 846 -11.49 34.35 -23.47
N ASP A 847 -10.40 33.60 -23.42
CA ASP A 847 -9.28 33.80 -24.33
C ASP A 847 -9.70 33.65 -25.79
N GLN A 848 -10.61 32.70 -26.03
CA GLN A 848 -11.05 32.36 -27.38
C GLN A 848 -12.06 33.36 -27.94
N PHE A 849 -12.92 33.88 -27.08
CA PHE A 849 -14.07 34.68 -27.54
C PHE A 849 -14.01 36.16 -27.13
N LEU A 850 -13.05 36.50 -26.28
CA LEU A 850 -12.82 37.91 -25.92
C LEU A 850 -11.39 38.34 -26.28
N GLY A 851 -10.55 37.36 -26.62
CA GLY A 851 -9.17 37.62 -27.01
C GLY A 851 -8.26 37.88 -25.84
N ALA A 852 -7.02 37.41 -25.96
CA ALA A 852 -6.00 37.61 -24.93
C ALA A 852 -5.17 38.86 -25.24
N MET A 853 -5.44 39.94 -24.51
CA MET A 853 -4.77 41.22 -24.73
C MET A 853 -3.42 41.29 -23.99
N TYR A 854 -3.16 40.28 -23.16
CA TYR A 854 -1.99 40.25 -22.27
C TYR A 854 -0.78 39.47 -22.83
N THR A 855 -0.95 38.87 -24.01
CA THR A 855 0.11 38.08 -24.63
C THR A 855 1.10 38.91 -25.46
N LEU A 856 0.73 40.17 -25.74
CA LEU A 856 1.59 41.10 -26.46
C LEU A 856 2.71 41.63 -25.56
N ARG B 308 14.71 0.62 -5.01
CA ARG B 308 15.92 -0.24 -5.18
C ARG B 308 15.74 -1.64 -4.60
N LYS B 309 15.15 -1.70 -3.41
CA LYS B 309 14.94 -2.97 -2.70
C LYS B 309 13.55 -3.05 -2.04
N PRO B 310 13.01 -4.28 -1.89
CA PRO B 310 11.69 -4.49 -1.29
C PRO B 310 11.63 -3.99 0.14
N PRO B 311 10.41 -3.76 0.68
CA PRO B 311 10.27 -3.39 2.09
C PRO B 311 10.89 -4.45 3.01
N LYS B 312 11.14 -4.09 4.26
CA LYS B 312 11.71 -5.03 5.23
C LYS B 312 10.70 -6.07 5.68
N GLY B 313 11.12 -7.33 5.64
CA GLY B 313 10.25 -8.46 5.97
C GLY B 313 9.33 -8.87 4.82
N MET B 314 9.54 -8.25 3.67
CA MET B 314 8.77 -8.56 2.46
C MET B 314 9.70 -9.30 1.50
N PHE B 315 9.16 -10.31 0.82
CA PHE B 315 9.99 -11.14 -0.06
C PHE B 315 9.35 -11.29 -1.44
N LEU B 316 10.06 -10.80 -2.45
CA LEU B 316 9.55 -10.74 -3.82
C LEU B 316 10.72 -10.81 -4.79
N SER B 317 10.95 -11.98 -5.37
CA SER B 317 11.98 -12.11 -6.40
C SER B 317 11.33 -12.24 -7.76
N GLN B 318 12.02 -11.72 -8.79
CA GLN B 318 11.54 -11.83 -10.17
C GLN B 318 11.15 -13.27 -10.49
N GLU B 319 11.98 -14.21 -10.05
CA GLU B 319 11.74 -15.64 -10.22
C GLU B 319 10.43 -16.12 -9.58
N ASP B 320 10.18 -15.67 -8.35
CA ASP B 320 9.00 -16.08 -7.58
C ASP B 320 7.70 -15.53 -8.15
N VAL B 321 7.73 -14.27 -8.59
CA VAL B 321 6.54 -13.61 -9.14
C VAL B 321 6.04 -14.36 -10.38
N GLU B 322 6.97 -14.68 -11.28
CA GLU B 322 6.66 -15.40 -12.52
C GLU B 322 6.05 -16.78 -12.26
N ALA B 323 6.50 -17.42 -11.19
CA ALA B 323 6.04 -18.76 -10.82
C ALA B 323 4.61 -18.77 -10.28
N VAL B 324 4.28 -17.76 -9.47
CA VAL B 324 2.97 -17.67 -8.82
C VAL B 324 1.91 -17.04 -9.73
N SER B 325 2.35 -16.51 -10.87
CA SER B 325 1.45 -15.90 -11.84
C SER B 325 1.47 -16.59 -13.22
N ALA B 326 1.99 -17.82 -13.25
CA ALA B 326 2.11 -18.59 -14.49
C ALA B 326 0.75 -19.03 -15.06
N ASN B 327 -0.22 -19.23 -14.18
CA ASN B 327 -1.61 -19.51 -14.58
C ASN B 327 -2.63 -19.09 -13.52
N ALA B 328 -3.86 -19.60 -13.64
CA ALA B 328 -4.96 -19.21 -12.74
C ALA B 328 -4.80 -19.71 -11.31
N THR B 329 -4.32 -20.96 -11.18
CA THR B 329 -4.14 -21.59 -9.86
C THR B 329 -2.70 -22.08 -9.61
N ALA B 330 -1.74 -21.43 -10.26
CA ALA B 330 -0.32 -21.68 -10.02
C ALA B 330 0.06 -21.25 -8.61
N ALA B 331 -0.72 -20.33 -8.05
CA ALA B 331 -0.58 -19.89 -6.68
C ALA B 331 -0.87 -21.03 -5.71
N THR B 332 -2.04 -21.65 -5.87
CA THR B 332 -2.49 -22.74 -5.01
C THR B 332 -1.60 -23.98 -5.18
N THR B 333 -1.16 -24.23 -6.42
CA THR B 333 -0.27 -25.34 -6.73
C THR B 333 1.04 -25.26 -5.95
N VAL B 334 1.75 -24.14 -6.09
CA VAL B 334 3.03 -23.92 -5.41
C VAL B 334 2.90 -24.04 -3.88
N LEU B 335 1.85 -23.42 -3.33
CA LEU B 335 1.60 -23.46 -1.89
C LEU B 335 1.22 -24.83 -1.36
N ARG B 336 0.71 -25.70 -2.23
CA ARG B 336 0.39 -27.09 -1.86
C ARG B 336 1.61 -28.00 -1.92
N GLN B 337 2.43 -27.84 -2.96
CA GLN B 337 3.68 -28.60 -3.08
C GLN B 337 4.58 -28.41 -1.87
N LEU B 338 4.49 -27.23 -1.24
CA LEU B 338 5.24 -26.92 -0.04
C LEU B 338 4.49 -27.39 1.21
N ASP B 339 3.17 -27.40 1.14
CA ASP B 339 2.33 -27.96 2.21
C ASP B 339 2.53 -29.46 2.37
N MET B 340 2.72 -30.14 1.25
CA MET B 340 3.02 -31.58 1.24
C MET B 340 4.47 -31.84 1.64
N GLU B 341 5.38 -31.01 1.12
CA GLU B 341 6.80 -31.09 1.47
C GLU B 341 7.04 -30.95 2.97
N LEU B 342 6.21 -30.12 3.61
CA LEU B 342 6.29 -29.90 5.06
C LEU B 342 5.83 -31.13 5.83
N VAL B 343 4.67 -31.67 5.46
CA VAL B 343 4.11 -32.89 6.05
C VAL B 343 5.08 -34.07 5.90
N SER B 344 5.64 -34.19 4.69
CA SER B 344 6.62 -35.21 4.36
C SER B 344 7.85 -35.16 5.27
N VAL B 345 8.40 -33.96 5.45
CA VAL B 345 9.58 -33.75 6.29
C VAL B 345 9.24 -33.89 7.78
N LYS B 346 7.99 -33.57 8.13
CA LYS B 346 7.56 -33.61 9.52
C LYS B 346 7.44 -35.04 10.06
N ARG B 347 6.93 -35.95 9.23
CA ARG B 347 6.83 -37.37 9.61
C ARG B 347 8.17 -38.10 9.49
N GLN B 348 9.05 -37.58 8.64
CA GLN B 348 10.42 -38.06 8.54
C GLN B 348 11.19 -37.74 9.82
N ILE B 349 10.83 -36.62 10.45
CA ILE B 349 11.41 -36.20 11.72
C ILE B 349 11.05 -37.16 12.86
N GLN B 350 9.77 -37.48 12.97
CA GLN B 350 9.28 -38.39 14.02
C GLN B 350 9.78 -39.81 13.83
N ASN B 351 10.03 -40.17 12.59
CA ASN B 351 10.58 -41.48 12.25
C ASN B 351 12.00 -41.67 12.79
N ILE B 352 12.87 -40.70 12.50
CA ILE B 352 14.26 -40.73 12.98
C ILE B 352 14.34 -40.40 14.47
N LYS B 353 13.30 -39.73 14.98
CA LYS B 353 13.15 -39.49 16.41
C LYS B 353 12.86 -40.81 17.11
N GLN B 354 11.99 -41.61 16.50
CA GLN B 354 11.62 -42.94 16.99
C GLN B 354 12.81 -43.91 16.90
N THR B 355 13.53 -43.86 15.78
CA THR B 355 14.72 -44.68 15.57
C THR B 355 15.79 -44.38 16.62
N ASN B 356 16.08 -43.09 16.83
CA ASN B 356 17.09 -42.68 17.81
C ASN B 356 16.68 -42.96 19.25
N SER B 357 15.38 -42.99 19.51
CA SER B 357 14.85 -43.30 20.83
C SER B 357 15.15 -44.74 21.24
N ALA B 358 15.03 -45.66 20.28
CA ALA B 358 15.34 -47.07 20.51
C ALA B 358 16.84 -47.30 20.66
N LEU B 359 17.64 -46.62 19.84
CA LEU B 359 19.10 -46.69 19.91
C LEU B 359 19.63 -46.14 21.24
N LYS B 360 18.96 -45.12 21.76
CA LYS B 360 19.33 -44.54 23.05
C LYS B 360 19.09 -45.50 24.21
N GLU B 361 18.05 -46.30 24.10
CA GLU B 361 17.70 -47.26 25.16
C GLU B 361 18.65 -48.45 25.19
N LYS B 362 19.22 -48.80 24.03
CA LYS B 362 20.19 -49.88 23.93
C LYS B 362 21.57 -49.48 24.46
N LEU B 363 21.78 -48.18 24.66
CA LEU B 363 23.01 -47.66 25.25
C LEU B 363 22.85 -47.39 26.74
N ASP B 364 21.72 -47.81 27.32
CA ASP B 364 21.42 -47.54 28.71
C ASP B 364 22.42 -48.19 29.67
N GLY B 365 22.84 -47.43 30.67
CA GLY B 365 23.89 -47.86 31.59
C GLY B 365 25.25 -47.34 31.17
N GLY B 366 25.36 -46.98 29.89
CA GLY B 366 26.62 -46.52 29.31
C GLY B 366 27.65 -47.63 29.24
N ILE B 367 28.90 -47.30 29.54
CA ILE B 367 29.97 -48.29 29.61
C ILE B 367 30.53 -48.39 31.04
N GLU B 368 29.68 -48.17 32.03
CA GLU B 368 30.09 -48.12 33.43
C GLU B 368 30.60 -49.45 34.00
N PRO B 369 29.91 -50.58 33.70
CA PRO B 369 30.42 -51.84 34.21
C PRO B 369 31.57 -52.40 33.37
N TYR B 370 32.25 -51.52 32.63
CA TYR B 370 33.33 -51.92 31.74
C TYR B 370 34.56 -51.03 31.86
N ARG B 371 34.48 -50.04 32.74
CA ARG B 371 35.62 -49.16 33.02
C ARG B 371 36.57 -49.79 34.03
N LEU B 372 37.86 -49.61 33.77
CA LEU B 372 38.90 -50.11 34.67
C LEU B 372 39.51 -48.96 35.44
N PRO B 373 39.73 -49.15 36.76
CA PRO B 373 40.38 -48.15 37.60
C PRO B 373 41.72 -47.68 37.05
N GLU B 374 42.10 -46.45 37.40
CA GLU B 374 43.30 -45.80 36.87
C GLU B 374 44.58 -46.38 37.48
N VAL B 375 45.49 -46.83 36.60
CA VAL B 375 46.81 -47.32 37.02
C VAL B 375 47.76 -46.12 37.12
N ILE B 376 48.14 -45.77 38.35
CA ILE B 376 49.01 -44.63 38.60
C ILE B 376 50.42 -45.10 38.99
N GLN B 377 51.32 -45.13 38.01
CA GLN B 377 52.70 -45.54 38.23
C GLN B 377 53.70 -44.54 37.65
N LYS B 378 54.76 -44.28 38.43
CA LYS B 378 55.78 -43.29 38.05
C LYS B 378 56.73 -43.84 36.99
N CYS B 379 57.14 -42.95 36.08
CA CYS B 379 58.00 -43.30 34.97
C CYS B 379 59.42 -43.66 35.42
N ASN B 380 59.90 -44.83 34.99
CA ASN B 380 61.22 -45.33 35.35
C ASN B 380 62.18 -45.30 34.15
N ALA B 381 63.48 -45.23 34.44
CA ALA B 381 64.50 -45.15 33.40
C ALA B 381 65.08 -46.50 33.01
N ARG B 382 65.18 -47.41 33.98
CA ARG B 382 65.79 -48.73 33.74
C ARG B 382 64.82 -49.75 33.17
N TRP B 383 65.33 -50.60 32.29
CA TRP B 383 64.55 -51.67 31.68
C TRP B 383 64.78 -52.98 32.36
N THR B 384 63.73 -53.52 32.99
CA THR B 384 63.77 -54.90 33.44
C THR B 384 63.59 -55.79 32.22
N THR B 385 64.14 -57.01 32.27
CA THR B 385 63.98 -57.98 31.20
C THR B 385 62.50 -58.14 30.84
N GLU B 386 61.65 -58.16 31.86
CA GLU B 386 60.19 -58.20 31.70
C GLU B 386 59.72 -57.09 30.74
N GLU B 387 60.13 -55.86 31.05
CA GLU B 387 59.71 -54.68 30.30
C GLU B 387 60.19 -54.70 28.85
N GLN B 388 61.41 -55.18 28.64
CA GLN B 388 61.96 -55.32 27.28
C GLN B 388 61.15 -56.31 26.46
N LEU B 389 60.71 -57.39 27.09
CA LEU B 389 59.92 -58.43 26.44
C LEU B 389 58.51 -57.95 26.14
N LEU B 390 57.94 -57.16 27.05
CA LEU B 390 56.65 -56.52 26.80
C LEU B 390 56.76 -55.63 25.56
N ALA B 391 57.83 -54.85 25.49
CA ALA B 391 58.10 -53.93 24.38
C ALA B 391 58.13 -54.65 23.04
N VAL B 392 58.95 -55.70 22.94
CA VAL B 392 59.07 -56.48 21.71
C VAL B 392 57.71 -56.98 21.21
N GLN B 393 56.88 -57.44 22.13
CA GLN B 393 55.54 -57.91 21.80
C GLN B 393 54.62 -56.77 21.40
N ALA B 394 54.79 -55.62 22.06
CA ALA B 394 54.01 -54.42 21.76
C ALA B 394 54.33 -53.88 20.37
N ILE B 395 55.61 -53.94 19.99
CA ILE B 395 56.04 -53.58 18.64
C ILE B 395 55.38 -54.51 17.63
N ARG B 396 55.36 -55.81 17.94
CA ARG B 396 54.75 -56.83 17.08
C ARG B 396 53.25 -56.59 16.87
N LYS B 397 52.59 -55.96 17.85
CA LYS B 397 51.15 -55.75 17.81
C LYS B 397 50.76 -54.33 17.37
N TYR B 398 51.65 -53.36 17.58
CA TYR B 398 51.31 -51.95 17.35
C TYR B 398 52.20 -51.21 16.34
N GLY B 399 53.40 -51.74 16.08
CA GLY B 399 54.32 -51.15 15.12
C GLY B 399 55.03 -49.90 15.62
N ARG B 400 54.57 -48.74 15.14
CA ARG B 400 55.20 -47.46 15.48
C ARG B 400 54.35 -46.58 16.38
N ASP B 401 53.23 -47.12 16.88
CA ASP B 401 52.38 -46.40 17.81
C ASP B 401 53.06 -46.32 19.18
N PHE B 402 54.02 -45.40 19.28
CA PHE B 402 54.86 -45.26 20.49
C PHE B 402 54.04 -44.95 21.74
N GLN B 403 52.87 -44.37 21.55
CA GLN B 403 51.96 -44.07 22.66
C GLN B 403 51.34 -45.34 23.21
N ALA B 404 50.85 -46.20 22.32
CA ALA B 404 50.27 -47.49 22.69
C ALA B 404 51.28 -48.36 23.42
N ILE B 405 52.46 -48.51 22.82
CA ILE B 405 53.56 -49.29 23.40
C ILE B 405 53.91 -48.80 24.81
N SER B 406 54.00 -47.48 24.98
CA SER B 406 54.26 -46.87 26.28
C SER B 406 53.19 -47.23 27.31
N ASP B 407 51.93 -47.26 26.87
CA ASP B 407 50.80 -47.56 27.76
C ASP B 407 50.80 -49.02 28.19
N VAL B 408 51.21 -49.90 27.29
CA VAL B 408 51.31 -51.35 27.56
C VAL B 408 52.37 -51.63 28.62
N ILE B 409 53.59 -51.12 28.40
CA ILE B 409 54.70 -51.30 29.35
C ILE B 409 54.38 -50.67 30.70
N GLY B 410 53.75 -49.50 30.68
CA GLY B 410 53.24 -48.88 31.90
C GLY B 410 54.09 -47.77 32.49
N ASN B 411 55.39 -48.02 32.60
CA ASN B 411 56.30 -47.04 33.22
C ASN B 411 57.45 -46.59 32.31
N LYS B 412 57.13 -46.35 31.05
CA LYS B 412 58.11 -45.82 30.10
C LYS B 412 57.49 -44.67 29.30
N SER B 413 58.23 -43.57 29.22
CA SER B 413 57.79 -42.39 28.47
C SER B 413 57.90 -42.63 26.97
N VAL B 414 57.11 -41.90 26.20
CA VAL B 414 57.02 -42.04 24.74
C VAL B 414 58.39 -41.93 24.07
N VAL B 415 59.28 -41.11 24.64
CA VAL B 415 60.63 -40.92 24.13
C VAL B 415 61.54 -42.12 24.43
N GLN B 416 61.42 -42.67 25.64
CA GLN B 416 62.17 -43.86 26.05
C GLN B 416 61.84 -45.03 25.12
N VAL B 417 60.57 -45.11 24.72
CA VAL B 417 60.10 -46.10 23.76
C VAL B 417 60.80 -45.90 22.41
N LYS B 418 60.89 -44.66 21.94
CA LYS B 418 61.59 -44.32 20.70
C LYS B 418 63.09 -44.60 20.80
N ASN B 419 63.65 -44.37 21.98
CA ASN B 419 65.05 -44.67 22.27
C ASN B 419 65.32 -46.16 22.21
N PHE B 420 64.41 -46.94 22.79
CA PHE B 420 64.45 -48.40 22.75
C PHE B 420 64.60 -48.94 21.34
N PHE B 421 63.91 -48.31 20.39
CA PHE B 421 63.94 -48.70 18.98
C PHE B 421 65.34 -48.67 18.36
N VAL B 422 66.16 -47.72 18.80
CA VAL B 422 67.50 -47.53 18.24
C VAL B 422 68.54 -48.32 19.03
N ASN B 423 68.38 -48.35 20.36
CA ASN B 423 69.32 -49.03 21.24
C ASN B 423 69.34 -50.55 21.05
N TYR B 424 68.16 -51.16 21.11
CA TYR B 424 68.03 -52.61 21.02
C TYR B 424 67.60 -53.04 19.62
N ARG B 425 67.99 -52.24 18.63
CA ARG B 425 67.61 -52.41 17.23
C ARG B 425 68.07 -53.74 16.65
N ARG B 426 69.35 -54.05 16.81
CA ARG B 426 69.93 -55.27 16.25
C ARG B 426 69.65 -56.50 17.11
N ARG B 427 69.69 -56.31 18.43
CA ARG B 427 69.56 -57.40 19.39
C ARG B 427 68.14 -57.98 19.46
N PHE B 428 67.14 -57.17 19.14
CA PHE B 428 65.75 -57.64 19.11
C PHE B 428 65.16 -57.65 17.69
N ASN B 429 66.04 -57.73 16.69
CA ASN B 429 65.64 -57.75 15.27
C ASN B 429 64.39 -56.94 14.96
N ILE B 430 64.37 -55.68 15.44
CA ILE B 430 63.19 -54.82 15.35
C ILE B 430 62.78 -54.55 13.89
N ASP B 431 63.75 -54.60 12.98
CA ASP B 431 63.48 -54.52 11.54
C ASP B 431 62.56 -55.65 11.10
N GLU B 432 62.87 -56.88 11.52
CA GLU B 432 62.06 -58.05 11.21
C GLU B 432 60.71 -58.03 11.91
N VAL B 433 60.68 -57.53 13.14
CA VAL B 433 59.46 -57.46 13.94
C VAL B 433 58.49 -56.44 13.33
N LEU B 434 59.03 -55.31 12.87
CA LEU B 434 58.23 -54.26 12.23
C LEU B 434 57.69 -54.66 10.86
N GLN B 435 58.49 -55.42 10.11
CA GLN B 435 58.09 -55.86 8.76
C GLN B 435 57.00 -56.94 8.80
N GLU B 436 56.88 -57.63 9.95
CA GLU B 436 55.81 -58.61 10.15
C GLU B 436 54.52 -57.98 10.65
N TRP B 437 54.64 -56.79 11.25
CA TRP B 437 53.48 -56.00 11.65
C TRP B 437 52.78 -55.44 10.45
N GLU B 438 53.56 -55.06 9.44
CA GLU B 438 53.04 -54.54 8.16
C GLU B 438 52.48 -55.66 7.29
N ALA B 439 52.78 -56.91 7.64
CA ALA B 439 52.33 -58.08 6.89
C ALA B 439 50.88 -58.48 7.18
N GLU B 440 50.23 -57.74 8.09
CA GLU B 440 48.83 -57.99 8.44
C GLU B 440 47.91 -56.86 7.99
#